data_8X3Y
#
_entry.id   8X3Y
#
_cell.length_a   96.383
_cell.length_b   108.873
_cell.length_c   110.757
_cell.angle_alpha   90.000
_cell.angle_beta   90.000
_cell.angle_gamma   90.000
#
_symmetry.space_group_name_H-M   'P 2 21 21'
#
loop_
_entity.id
_entity.type
_entity.pdbx_description
1 polymer BbmA
2 non-polymer "ADENOSINE-5'-DIPHOSPHATE"
3 non-polymer 'THIAMINE DIPHOSPHATE'
4 non-polymer 'MAGNESIUM ION'
5 water water
#
_entity_poly.entity_id   1
_entity_poly.type   'polypeptide(L)'
_entity_poly.pdbx_seq_one_letter_code
;MGSSKTVTAVELLVRQMEAEGVSYVFGIPGGPLMPLYEAIFSRKKIQPILTKHEEGAAFMAEGYARVSGKLGVCCATTGP
GATNALTGIACAYSDSTPVLLLTAQVGTAAFGKGALQESTVHGVDLVSIFSPITKLSVMIPTAEKMGEMTRRALRTAQSG
RPGPIHLNIPADIAKHPVPLEVFPPMNYRGGKPAPTIMDVVRVAELIFHAKRPAILAGHGIECAKAWEELLDFAELTGIP
VATTPKGKSSFPENHALSLGVFGFAGHQKATDYLLSGDVDVLIVIGSSLGDWQTNSWDPRLTPSVALIQIDIDPMEIGKN
YPVDVGINADASETLKALILCIRSSGKMLKKPALPLETKEQTAFQEIDHGTEGNGIHPAMVVEAMQNRLPADTILFVDNG
SCINWGVHCYLAQTPGAFQIGLGLAAMGHAVAAAIGGKLAAPDRPVVALVGDAAFAMNGMEIHTAAEYKIPVTWIVLNNG
GHGLVHLGEQHQFDSKFDISSFRKSIDFCKMAESLGVKSYRAETVEDFDAALKGALAMNTPCLIDVQVDIDVLPPGMKQR
FDMLNKSYAGERYTAPIGHHHHHH
;
_entity_poly.pdbx_strand_id   A,B
#
# COMPACT_ATOMS: atom_id res chain seq x y z
N SER A 3 13.86 37.79 -21.27
CA SER A 3 12.81 38.22 -20.36
C SER A 3 11.42 37.77 -20.82
N SER A 4 11.32 36.49 -21.20
CA SER A 4 10.06 35.94 -21.65
C SER A 4 9.21 35.44 -20.51
N LYS A 5 7.96 35.18 -20.84
CA LYS A 5 6.96 34.74 -19.92
C LYS A 5 7.38 33.59 -18.99
N THR A 6 7.10 33.71 -17.72
CA THR A 6 7.41 32.64 -16.80
C THR A 6 6.14 32.10 -16.17
N VAL A 7 6.17 30.83 -15.78
CA VAL A 7 5.09 30.22 -15.02
C VAL A 7 5.74 29.55 -13.81
N THR A 8 4.90 29.09 -12.88
CA THR A 8 5.46 28.31 -11.77
C THR A 8 5.95 26.97 -12.31
N ALA A 9 6.94 26.41 -11.62
CA ALA A 9 7.46 25.11 -12.00
C ALA A 9 6.35 24.07 -12.09
N VAL A 10 5.42 24.10 -11.13
CA VAL A 10 4.38 23.08 -11.13
C VAL A 10 3.40 23.30 -12.28
N GLU A 11 3.15 24.57 -12.65
CA GLU A 11 2.31 24.81 -13.83
C GLU A 11 3.02 24.35 -15.10
N LEU A 12 4.35 24.55 -15.18
CA LEU A 12 5.06 24.04 -16.35
C LEU A 12 4.84 22.54 -16.47
N LEU A 13 4.97 21.83 -15.35
CA LEU A 13 4.74 20.38 -15.34
C LEU A 13 3.33 20.03 -15.84
N VAL A 14 2.31 20.76 -15.38
CA VAL A 14 0.94 20.52 -15.83
C VAL A 14 0.82 20.77 -17.32
N ARG A 15 1.40 21.85 -17.82
CA ARG A 15 1.30 22.14 -19.24
C ARG A 15 2.02 21.09 -20.08
N GLN A 16 3.16 20.59 -19.60
CA GLN A 16 3.87 19.56 -20.35
C GLN A 16 3.10 18.25 -20.35
N MET A 17 2.38 17.93 -19.27
CA MET A 17 1.50 16.78 -19.30
C MET A 17 0.34 16.99 -20.27
N GLU A 18 -0.18 18.21 -20.36
CA GLU A 18 -1.20 18.50 -21.38
C GLU A 18 -0.72 18.12 -22.77
N ALA A 19 0.51 18.50 -23.12
CA ALA A 19 1.02 18.20 -24.46
C ALA A 19 1.08 16.71 -24.74
N GLU A 20 1.16 15.89 -23.70
CA GLU A 20 1.14 14.43 -23.88
C GLU A 20 -0.27 13.87 -23.94
N GLY A 21 -1.29 14.73 -23.90
CA GLY A 21 -2.66 14.26 -23.93
C GLY A 21 -3.19 13.72 -22.62
N VAL A 22 -2.51 14.01 -21.50
CA VAL A 22 -3.03 13.57 -20.20
C VAL A 22 -4.35 14.29 -19.93
N SER A 23 -5.37 13.52 -19.53
CA SER A 23 -6.69 14.11 -19.26
C SER A 23 -7.15 14.00 -17.81
N TYR A 24 -6.50 13.18 -16.99
CA TYR A 24 -6.87 12.99 -15.60
C TYR A 24 -5.61 12.81 -14.76
N VAL A 25 -5.68 13.27 -13.52
CA VAL A 25 -4.66 12.98 -12.52
C VAL A 25 -5.37 12.35 -11.33
N PHE A 26 -5.06 11.10 -11.03
CA PHE A 26 -5.67 10.37 -9.93
C PHE A 26 -4.82 10.49 -8.68
N GLY A 27 -5.44 10.79 -7.54
CA GLY A 27 -4.64 10.89 -6.34
C GLY A 27 -5.43 11.45 -5.18
N ILE A 28 -4.69 11.76 -4.13
CA ILE A 28 -5.25 12.29 -2.89
C ILE A 28 -4.38 13.48 -2.48
N PRO A 29 -4.97 14.61 -2.13
CA PRO A 29 -4.15 15.79 -1.81
C PRO A 29 -3.46 15.66 -0.46
N GLY A 30 -2.58 16.62 -0.21
CA GLY A 30 -1.89 16.77 1.05
C GLY A 30 -1.15 18.10 1.03
N GLY A 31 -0.79 18.57 2.22
CA GLY A 31 -0.20 19.87 2.37
C GLY A 31 0.90 20.36 1.45
N PRO A 32 1.91 19.53 1.21
CA PRO A 32 2.97 19.87 0.24
C PRO A 32 2.58 19.63 -1.20
N LEU A 33 1.51 18.90 -1.47
CA LEU A 33 1.03 18.63 -2.82
C LEU A 33 0.07 19.71 -3.34
N MET A 34 -0.41 20.60 -2.48
CA MET A 34 -1.46 21.54 -2.89
C MET A 34 -1.08 22.45 -4.06
N PRO A 35 0.16 22.93 -4.20
CA PRO A 35 0.47 23.74 -5.38
C PRO A 35 0.20 23.01 -6.70
N LEU A 36 0.37 21.69 -6.73
CA LEU A 36 0.00 20.94 -7.93
C LEU A 36 -1.49 21.08 -8.22
N TYR A 37 -2.32 20.89 -7.19
CA TYR A 37 -3.76 21.01 -7.42
C TYR A 37 -4.13 22.42 -7.83
N GLU A 38 -3.49 23.42 -7.20
CA GLU A 38 -3.73 24.79 -7.60
C GLU A 38 -3.45 24.99 -9.08
N ALA A 39 -2.32 24.47 -9.57
CA ALA A 39 -1.99 24.60 -10.99
C ALA A 39 -3.00 23.87 -11.87
N ILE A 40 -3.40 22.67 -11.45
CA ILE A 40 -4.37 21.90 -12.25
C ILE A 40 -5.67 22.68 -12.36
N PHE A 41 -6.16 23.21 -11.24
CA PHE A 41 -7.43 23.91 -11.25
C PHE A 41 -7.35 25.22 -12.01
N SER A 42 -6.15 25.82 -12.11
CA SER A 42 -6.05 27.08 -12.84
C SER A 42 -6.03 26.87 -14.36
N ARG A 43 -5.64 25.69 -14.83
CA ARG A 43 -5.55 25.41 -16.26
C ARG A 43 -6.84 24.84 -16.84
N LYS A 44 -7.66 24.20 -16.01
CA LYS A 44 -8.96 23.69 -16.43
C LYS A 44 -8.89 22.88 -17.73
N LYS A 45 -7.92 21.96 -17.80
CA LYS A 45 -7.95 21.02 -18.91
C LYS A 45 -7.76 19.62 -18.33
N ILE A 46 -6.64 19.35 -17.65
CA ILE A 46 -6.52 18.10 -16.90
C ILE A 46 -7.47 18.15 -15.71
N GLN A 47 -8.24 17.04 -15.49
CA GLN A 47 -9.19 17.03 -14.37
C GLN A 47 -8.68 16.19 -13.22
N PRO A 48 -8.68 16.69 -11.98
CA PRO A 48 -8.27 15.84 -10.86
C PRO A 48 -9.38 14.87 -10.47
N ILE A 49 -8.98 13.65 -10.16
CA ILE A 49 -9.92 12.66 -9.65
C ILE A 49 -9.48 12.31 -8.25
N LEU A 50 -10.30 12.65 -7.26
CA LEU A 50 -10.05 12.29 -5.87
C LEU A 50 -10.43 10.83 -5.65
N THR A 51 -9.48 10.01 -5.19
CA THR A 51 -9.74 8.61 -4.89
C THR A 51 -9.81 8.38 -3.37
N LYS A 52 -10.15 7.13 -3.00
CA LYS A 52 -10.26 6.76 -1.60
C LYS A 52 -8.95 6.31 -1.00
N HIS A 53 -8.02 5.82 -1.82
CA HIS A 53 -6.74 5.32 -1.37
C HIS A 53 -5.77 5.55 -2.52
N GLU A 54 -4.54 5.95 -2.20
CA GLU A 54 -3.58 6.22 -3.27
C GLU A 54 -3.26 4.96 -4.08
N GLU A 55 -3.40 3.79 -3.46
CA GLU A 55 -3.27 2.56 -4.24
C GLU A 55 -4.32 2.52 -5.35
N GLY A 56 -5.57 2.86 -5.01
CA GLY A 56 -6.61 2.91 -6.02
C GLY A 56 -6.33 3.95 -7.09
N ALA A 57 -5.71 5.07 -6.69
CA ALA A 57 -5.33 6.07 -7.68
C ALA A 57 -4.30 5.51 -8.66
N ALA A 58 -3.29 4.79 -8.16
CA ALA A 58 -2.29 4.22 -9.05
C ALA A 58 -2.92 3.17 -9.97
N PHE A 59 -3.78 2.32 -9.40
CA PHE A 59 -4.50 1.35 -10.23
C PHE A 59 -5.30 2.06 -11.32
N MET A 60 -5.98 3.15 -10.96
CA MET A 60 -6.79 3.85 -11.95
C MET A 60 -5.93 4.45 -13.04
N ALA A 61 -4.81 5.07 -12.67
CA ALA A 61 -3.88 5.57 -13.68
C ALA A 61 -3.44 4.44 -14.59
N GLU A 62 -3.22 3.25 -14.02
CA GLU A 62 -2.78 2.10 -14.80
C GLU A 62 -3.89 1.65 -15.76
N GLY A 63 -5.14 1.58 -15.27
CA GLY A 63 -6.23 1.20 -16.15
C GLY A 63 -6.47 2.23 -17.23
N TYR A 64 -6.41 3.52 -16.86
CA TYR A 64 -6.51 4.59 -17.85
C TYR A 64 -5.43 4.46 -18.92
N ALA A 65 -4.19 4.23 -18.51
CA ALA A 65 -3.09 4.12 -19.46
C ALA A 65 -3.28 2.93 -20.40
N ARG A 66 -3.64 1.76 -19.85
CA ARG A 66 -3.77 0.59 -20.72
C ARG A 66 -4.91 0.76 -21.74
N VAL A 67 -6.05 1.30 -21.31
CA VAL A 67 -7.16 1.44 -22.24
C VAL A 67 -6.89 2.59 -23.21
N SER A 68 -6.33 3.72 -22.72
CA SER A 68 -6.15 4.86 -23.62
C SER A 68 -4.97 4.69 -24.57
N GLY A 69 -3.98 3.86 -24.23
CA GLY A 69 -2.74 3.89 -24.97
C GLY A 69 -1.87 5.09 -24.71
N LYS A 70 -2.20 5.88 -23.69
CA LYS A 70 -1.48 7.10 -23.36
C LYS A 70 -0.87 6.97 -21.95
N LEU A 71 -0.23 8.03 -21.50
CA LEU A 71 0.38 8.07 -20.18
C LEU A 71 -0.70 8.25 -19.11
N GLY A 72 -0.64 7.43 -18.05
CA GLY A 72 -1.48 7.61 -16.90
C GLY A 72 -0.73 8.36 -15.81
N VAL A 73 -1.42 9.19 -15.04
CA VAL A 73 -0.79 10.04 -14.05
C VAL A 73 -1.55 9.96 -12.73
N CYS A 74 -0.82 9.66 -11.66
CA CYS A 74 -1.36 9.69 -10.31
C CYS A 74 -0.46 10.56 -9.45
N CYS A 75 -1.02 11.15 -8.40
CA CYS A 75 -0.20 11.96 -7.52
C CYS A 75 -0.46 11.59 -6.06
N ALA A 76 0.57 11.72 -5.22
CA ALA A 76 0.40 11.46 -3.79
C ALA A 76 1.24 12.44 -2.99
N THR A 77 0.84 12.66 -1.74
CA THR A 77 1.58 13.56 -0.87
C THR A 77 2.81 12.86 -0.28
N THR A 78 3.56 13.59 0.53
CA THR A 78 4.76 13.09 1.22
C THR A 78 4.49 11.77 1.94
N GLY A 79 5.54 11.01 2.19
CA GLY A 79 5.48 9.90 3.12
C GLY A 79 4.44 8.86 2.77
N PRO A 80 3.43 8.72 3.65
CA PRO A 80 2.50 7.59 3.50
C PRO A 80 1.58 7.75 2.32
N GLY A 81 1.33 8.97 1.84
CA GLY A 81 0.61 9.10 0.58
C GLY A 81 1.30 8.34 -0.53
N ALA A 82 2.59 8.59 -0.71
CA ALA A 82 3.36 7.95 -1.78
C ALA A 82 3.52 6.46 -1.53
N THR A 83 3.79 6.05 -0.28
CA THR A 83 3.98 4.62 -0.06
C THR A 83 2.68 3.86 -0.31
N ASN A 84 1.53 4.52 -0.10
CA ASN A 84 0.26 3.88 -0.36
C ASN A 84 0.09 3.55 -1.85
N ALA A 85 0.74 4.31 -2.73
CA ALA A 85 0.63 4.06 -4.16
C ALA A 85 1.49 2.91 -4.65
N LEU A 86 2.41 2.41 -3.83
CA LEU A 86 3.49 1.60 -4.36
C LEU A 86 2.98 0.37 -5.10
N THR A 87 2.03 -0.36 -4.51
CA THR A 87 1.58 -1.57 -5.17
C THR A 87 1.07 -1.30 -6.58
N GLY A 88 0.30 -0.22 -6.77
CA GLY A 88 -0.19 0.07 -8.10
C GLY A 88 0.94 0.35 -9.07
N ILE A 89 1.95 1.10 -8.61
CA ILE A 89 3.11 1.38 -9.45
C ILE A 89 3.87 0.10 -9.77
N ALA A 90 3.99 -0.81 -8.80
CA ALA A 90 4.66 -2.08 -9.06
C ALA A 90 3.91 -2.90 -10.10
N CYS A 91 2.58 -2.77 -10.17
CA CYS A 91 1.85 -3.53 -11.18
C CYS A 91 2.06 -2.94 -12.58
N ALA A 92 2.10 -1.62 -12.66
CA ALA A 92 2.45 -0.97 -13.91
C ALA A 92 3.83 -1.41 -14.36
N TYR A 93 4.76 -1.51 -13.41
CA TYR A 93 6.10 -1.95 -13.74
C TYR A 93 6.07 -3.37 -14.30
N SER A 94 5.29 -4.25 -13.67
CA SER A 94 5.26 -5.66 -14.08
C SER A 94 4.49 -5.84 -15.38
N ASP A 95 3.55 -4.94 -15.69
CA ASP A 95 2.77 -5.05 -16.92
C ASP A 95 3.27 -4.11 -18.03
N SER A 96 4.40 -3.41 -17.82
CA SER A 96 4.96 -2.49 -18.81
C SER A 96 3.95 -1.41 -19.22
N THR A 97 3.34 -0.77 -18.21
CA THR A 97 2.39 0.31 -18.41
C THR A 97 3.02 1.65 -18.07
N PRO A 98 2.91 2.66 -18.93
CA PRO A 98 3.48 3.99 -18.61
C PRO A 98 2.63 4.76 -17.63
N VAL A 99 3.01 4.76 -16.36
CA VAL A 99 2.31 5.50 -15.31
C VAL A 99 3.30 6.45 -14.68
N LEU A 100 2.93 7.72 -14.61
CA LEU A 100 3.74 8.71 -13.93
C LEU A 100 3.15 8.95 -12.54
N LEU A 101 3.96 8.71 -11.50
CA LEU A 101 3.60 9.05 -10.12
C LEU A 101 4.34 10.33 -9.72
N LEU A 102 3.58 11.38 -9.44
CA LEU A 102 4.12 12.62 -8.89
C LEU A 102 3.96 12.59 -7.38
N THR A 103 5.05 12.71 -6.65
CA THR A 103 4.96 12.77 -5.20
C THR A 103 5.48 14.10 -4.69
N ALA A 104 4.91 14.55 -3.59
CA ALA A 104 5.42 15.76 -2.96
C ALA A 104 6.59 15.44 -2.04
N GLN A 105 7.39 16.45 -1.80
CA GLN A 105 8.53 16.39 -0.89
C GLN A 105 8.46 17.63 -0.01
N VAL A 106 8.98 17.53 1.22
CA VAL A 106 8.99 18.71 2.09
C VAL A 106 9.93 19.74 1.49
N GLY A 107 9.87 20.98 1.99
CA GLY A 107 10.77 22.01 1.51
C GLY A 107 12.22 21.71 1.92
N THR A 108 13.14 22.08 1.04
CA THR A 108 14.57 21.76 1.23
C THR A 108 15.11 22.28 2.56
N ALA A 109 14.61 23.44 3.04
CA ALA A 109 15.11 24.02 4.28
C ALA A 109 14.83 23.16 5.50
N ALA A 110 13.99 22.14 5.37
CA ALA A 110 13.68 21.26 6.48
C ALA A 110 14.39 19.91 6.37
N PHE A 111 15.16 19.68 5.30
CA PHE A 111 15.83 18.39 5.11
C PHE A 111 16.68 18.05 6.32
N GLY A 112 16.53 16.83 6.83
CA GLY A 112 17.35 16.34 7.92
C GLY A 112 17.00 16.88 9.29
N LYS A 113 15.93 17.67 9.42
CA LYS A 113 15.52 18.21 10.71
C LYS A 113 14.36 17.45 11.35
N GLY A 114 13.81 16.45 10.65
CA GLY A 114 12.65 15.75 11.17
C GLY A 114 11.39 16.46 10.72
N ALA A 115 11.31 16.74 9.43
CA ALA A 115 10.14 17.42 8.90
C ALA A 115 8.93 16.49 8.95
N LEU A 116 7.76 17.09 8.94
CA LEU A 116 6.52 16.34 8.85
C LEU A 116 6.55 15.41 7.62
N GLN A 117 6.39 14.10 7.85
CA GLN A 117 6.41 13.12 6.77
C GLN A 117 7.65 13.30 5.89
N GLU A 118 8.78 13.62 6.52
CA GLU A 118 10.01 13.83 5.76
C GLU A 118 10.28 12.63 4.86
N SER A 119 10.48 12.90 3.57
CA SER A 119 10.52 11.85 2.57
C SER A 119 11.87 11.80 1.86
N THR A 120 12.92 12.18 2.58
CA THR A 120 14.30 12.22 2.11
C THR A 120 15.03 10.98 2.60
N VAL A 121 16.33 10.92 2.30
CA VAL A 121 17.17 9.86 2.85
C VAL A 121 17.12 9.85 4.39
N HIS A 122 16.87 11.00 5.02
CA HIS A 122 16.83 11.07 6.49
C HIS A 122 15.50 10.66 7.08
N GLY A 123 14.46 10.51 6.25
CA GLY A 123 13.17 10.07 6.76
C GLY A 123 12.74 8.81 6.08
N VAL A 124 11.62 8.88 5.37
CA VAL A 124 11.11 7.78 4.57
C VAL A 124 11.53 8.10 3.13
N ASP A 125 12.56 7.42 2.64
CA ASP A 125 13.26 7.81 1.41
C ASP A 125 12.49 7.33 0.18
N LEU A 126 11.52 8.14 -0.28
CA LEU A 126 10.63 7.71 -1.36
C LEU A 126 11.41 7.40 -2.63
N VAL A 127 12.42 8.21 -2.95
CA VAL A 127 13.16 8.00 -4.20
C VAL A 127 13.78 6.61 -4.22
N SER A 128 14.35 6.15 -3.10
CA SER A 128 14.95 4.81 -3.07
C SER A 128 13.91 3.70 -2.96
N ILE A 129 12.79 3.97 -2.30
CA ILE A 129 11.74 2.97 -2.21
C ILE A 129 11.19 2.64 -3.60
N PHE A 130 11.00 3.65 -4.44
CA PHE A 130 10.39 3.42 -5.76
C PHE A 130 11.39 3.01 -6.81
N SER A 131 12.68 3.21 -6.55
CA SER A 131 13.71 2.89 -7.53
C SER A 131 13.57 1.47 -8.09
N PRO A 132 13.38 0.43 -7.30
CA PRO A 132 13.32 -0.93 -7.89
C PRO A 132 12.13 -1.17 -8.79
N ILE A 133 11.04 -0.42 -8.67
CA ILE A 133 9.87 -0.74 -9.49
C ILE A 133 9.47 0.44 -10.38
N THR A 134 10.45 1.26 -10.76
CA THR A 134 10.25 2.29 -11.76
C THR A 134 11.38 2.25 -12.76
N LYS A 135 11.11 2.78 -13.96
CA LYS A 135 12.20 3.00 -14.90
C LYS A 135 13.07 4.17 -14.47
N LEU A 136 12.49 5.11 -13.74
CA LEU A 136 13.22 6.28 -13.23
C LEU A 136 12.53 6.78 -11.97
N SER A 137 13.31 7.07 -10.93
CA SER A 137 12.79 7.61 -9.68
C SER A 137 13.78 8.69 -9.26
N VAL A 138 13.33 9.95 -9.19
CA VAL A 138 14.26 11.06 -9.01
C VAL A 138 13.55 12.22 -8.34
N MET A 139 14.29 13.01 -7.58
CA MET A 139 13.79 14.23 -6.98
C MET A 139 14.23 15.42 -7.83
N ILE A 140 13.28 16.27 -8.21
CA ILE A 140 13.60 17.47 -8.99
C ILE A 140 14.49 18.33 -8.11
N PRO A 141 15.72 18.63 -8.53
CA PRO A 141 16.65 19.33 -7.64
C PRO A 141 16.39 20.82 -7.58
N THR A 142 15.90 21.39 -8.68
CA THR A 142 15.64 22.82 -8.73
C THR A 142 14.47 23.07 -9.65
N ALA A 143 13.83 24.23 -9.46
CA ALA A 143 12.73 24.62 -10.32
C ALA A 143 13.19 24.64 -11.78
N GLU A 144 14.41 25.13 -12.01
CA GLU A 144 14.97 25.26 -13.35
C GLU A 144 15.03 23.91 -14.09
N LYS A 145 15.13 22.81 -13.36
CA LYS A 145 15.23 21.50 -13.99
C LYS A 145 13.89 20.82 -14.19
N MET A 146 12.79 21.50 -13.82
CA MET A 146 11.47 20.86 -13.90
C MET A 146 11.15 20.44 -15.33
N GLY A 147 11.35 21.33 -16.30
CA GLY A 147 11.05 20.97 -17.69
C GLY A 147 11.85 19.77 -18.17
N GLU A 148 13.18 19.82 -18.01
CA GLU A 148 14.03 18.72 -18.45
C GLU A 148 13.67 17.41 -17.76
N MET A 149 13.43 17.45 -16.44
CA MET A 149 13.13 16.23 -15.70
C MET A 149 11.76 15.68 -16.10
N THR A 150 10.81 16.55 -16.39
CA THR A 150 9.51 16.14 -16.82
C THR A 150 9.57 15.46 -18.17
N ARG A 151 10.30 16.03 -19.09
CA ARG A 151 10.46 15.47 -20.42
C ARG A 151 11.22 14.17 -20.34
N ARG A 152 12.23 14.15 -19.49
CA ARG A 152 12.96 12.91 -19.24
C ARG A 152 12.01 11.82 -18.75
N ALA A 153 11.16 12.15 -17.77
CA ALA A 153 10.19 11.16 -17.27
C ALA A 153 9.27 10.70 -18.39
N LEU A 154 8.72 11.64 -19.16
CA LEU A 154 7.77 11.24 -20.20
C LEU A 154 8.45 10.41 -21.28
N ARG A 155 9.68 10.77 -21.65
CA ARG A 155 10.46 9.96 -22.60
C ARG A 155 10.72 8.57 -22.06
N THR A 156 11.09 8.47 -20.77
CA THR A 156 11.50 7.19 -20.21
C THR A 156 10.30 6.25 -20.08
N ALA A 157 9.14 6.80 -19.67
CA ALA A 157 7.95 5.97 -19.47
C ALA A 157 7.48 5.33 -20.76
N GLN A 158 7.59 6.04 -21.87
CA GLN A 158 6.93 5.62 -23.10
C GLN A 158 7.88 5.13 -24.17
N SER A 159 9.17 5.07 -23.90
CA SER A 159 10.18 4.59 -24.84
C SER A 159 10.63 3.19 -24.46
N GLY A 160 11.20 2.48 -25.42
CA GLY A 160 11.57 1.09 -25.15
C GLY A 160 10.41 0.30 -24.58
N ARG A 161 10.73 -0.56 -23.62
CA ARG A 161 9.69 -1.27 -22.89
C ARG A 161 9.02 -0.26 -21.97
N PRO A 162 7.76 0.06 -22.16
CA PRO A 162 7.13 1.12 -21.36
C PRO A 162 7.08 0.75 -19.90
N GLY A 163 7.09 1.77 -19.04
CA GLY A 163 7.00 1.51 -17.61
C GLY A 163 6.80 2.77 -16.80
N PRO A 164 6.61 2.62 -15.50
CA PRO A 164 6.28 3.78 -14.65
C PRO A 164 7.50 4.59 -14.22
N ILE A 165 7.20 5.80 -13.78
CA ILE A 165 8.18 6.80 -13.38
C ILE A 165 7.72 7.38 -12.05
N HIS A 166 8.70 7.72 -11.19
CA HIS A 166 8.45 8.43 -9.94
C HIS A 166 9.17 9.77 -9.99
N LEU A 167 8.41 10.88 -9.97
CA LEU A 167 8.98 12.22 -9.87
C LEU A 167 8.61 12.83 -8.52
N ASN A 168 9.61 13.17 -7.73
CA ASN A 168 9.44 13.71 -6.39
C ASN A 168 9.76 15.20 -6.41
N ILE A 169 8.86 16.01 -5.89
CA ILE A 169 8.92 17.46 -6.10
C ILE A 169 8.97 18.23 -4.77
N PRO A 170 10.08 18.87 -4.42
CA PRO A 170 10.10 19.65 -3.18
C PRO A 170 9.09 20.79 -3.21
N ALA A 171 8.42 20.99 -2.07
CA ALA A 171 7.30 21.92 -2.05
C ALA A 171 7.74 23.36 -2.30
N ASP A 172 8.97 23.71 -1.92
CA ASP A 172 9.41 25.09 -2.15
C ASP A 172 9.75 25.34 -3.61
N ILE A 173 10.29 24.33 -4.29
CA ILE A 173 10.56 24.41 -5.73
C ILE A 173 9.27 24.60 -6.54
N ALA A 174 8.15 24.10 -6.03
CA ALA A 174 6.96 23.96 -6.86
C ALA A 174 6.48 25.30 -7.42
N LYS A 175 6.64 26.39 -6.68
CA LYS A 175 6.10 27.67 -7.14
C LYS A 175 7.18 28.67 -7.53
N HIS A 176 8.41 28.22 -7.74
CA HIS A 176 9.41 29.13 -8.29
C HIS A 176 9.12 29.37 -9.77
N PRO A 177 9.39 30.57 -10.26
CA PRO A 177 9.13 30.85 -11.68
C PRO A 177 10.17 30.17 -12.55
N VAL A 178 9.70 29.67 -13.69
CA VAL A 178 10.58 29.07 -14.69
C VAL A 178 10.15 29.55 -16.07
N PRO A 179 11.07 29.51 -17.04
CA PRO A 179 10.70 29.88 -18.42
C PRO A 179 9.60 28.98 -18.95
N LEU A 180 8.63 29.58 -19.65
CA LEU A 180 7.52 28.80 -20.19
C LEU A 180 8.00 28.11 -21.46
N GLU A 181 8.38 26.86 -21.33
CA GLU A 181 8.93 26.06 -22.41
C GLU A 181 8.35 24.67 -22.45
N VAL A 182 7.43 24.48 -23.34
CA VAL A 182 6.69 23.27 -23.51
C VAL A 182 6.94 22.72 -24.91
N PHE A 183 7.12 21.43 -25.01
CA PHE A 183 7.46 20.83 -26.28
C PHE A 183 6.44 19.76 -26.66
N PRO A 184 6.18 19.58 -27.96
CA PRO A 184 5.41 18.39 -28.36
C PRO A 184 6.17 17.17 -28.11
N PRO A 185 5.52 16.02 -27.83
CA PRO A 185 6.24 14.79 -27.48
C PRO A 185 7.31 14.35 -28.47
N MET A 186 7.16 14.61 -29.79
CA MET A 186 8.11 14.11 -30.77
C MET A 186 9.47 14.78 -30.69
N ASN A 187 9.56 15.95 -30.03
CA ASN A 187 10.84 16.65 -29.89
C ASN A 187 11.72 16.04 -28.80
N TYR A 188 11.17 15.32 -27.84
CA TYR A 188 11.97 14.84 -26.72
C TYR A 188 11.86 13.33 -26.50
N ARG A 189 11.27 12.59 -27.45
CA ARG A 189 11.39 11.15 -27.45
C ARG A 189 11.34 10.67 -28.89
N GLY A 190 12.01 9.54 -29.16
CA GLY A 190 12.17 9.05 -30.52
C GLY A 190 11.13 8.02 -30.92
N GLY A 191 11.28 7.46 -32.09
CA GLY A 191 10.40 6.45 -32.58
C GLY A 191 10.68 5.03 -32.16
N LYS A 192 10.00 4.11 -32.78
CA LYS A 192 10.13 2.73 -32.46
C LYS A 192 11.11 2.05 -33.36
N PRO A 193 11.80 1.07 -32.86
CA PRO A 193 12.75 0.30 -33.63
C PRO A 193 12.05 -0.75 -34.51
N ALA A 194 12.62 -1.02 -35.66
CA ALA A 194 12.10 -1.97 -36.62
C ALA A 194 13.04 -3.16 -36.78
N PRO A 195 12.58 -4.25 -37.36
CA PRO A 195 13.48 -5.38 -37.63
C PRO A 195 14.40 -5.04 -38.78
N THR A 196 15.53 -5.75 -38.85
CA THR A 196 16.41 -5.61 -40.01
C THR A 196 15.81 -6.37 -41.19
N ILE A 197 16.16 -5.92 -42.40
CA ILE A 197 15.66 -6.61 -43.59
C ILE A 197 16.12 -8.06 -43.60
N MET A 198 17.32 -8.32 -43.08
CA MET A 198 17.81 -9.69 -43.06
C MET A 198 16.91 -10.58 -42.20
N ASP A 199 16.45 -10.08 -41.05
CA ASP A 199 15.64 -10.92 -40.17
C ASP A 199 14.22 -11.08 -40.73
N VAL A 200 13.68 -10.04 -41.37
CA VAL A 200 12.39 -10.18 -42.05
C VAL A 200 12.46 -11.27 -43.10
N VAL A 201 13.49 -11.22 -43.95
CA VAL A 201 13.62 -12.20 -45.02
C VAL A 201 13.76 -13.60 -44.43
N ARG A 202 14.50 -13.72 -43.33
CA ARG A 202 14.69 -15.02 -42.69
C ARG A 202 13.37 -15.56 -42.13
N VAL A 203 12.58 -14.70 -41.48
CA VAL A 203 11.31 -15.18 -40.94
C VAL A 203 10.38 -15.57 -42.08
N ALA A 204 10.31 -14.73 -43.13
CA ALA A 204 9.47 -15.04 -44.29
C ALA A 204 9.86 -16.39 -44.89
N GLU A 205 11.16 -16.65 -45.01
CA GLU A 205 11.59 -17.93 -45.55
C GLU A 205 11.23 -19.08 -44.62
N LEU A 206 11.41 -18.90 -43.30
CA LEU A 206 11.01 -19.95 -42.36
C LEU A 206 9.52 -20.21 -42.44
N ILE A 207 8.73 -19.16 -42.60
CA ILE A 207 7.28 -19.35 -42.72
C ILE A 207 6.94 -20.03 -44.04
N PHE A 208 7.57 -19.60 -45.14
CA PHE A 208 7.25 -20.16 -46.45
C PHE A 208 7.45 -21.67 -46.48
N HIS A 209 8.39 -22.18 -45.69
CA HIS A 209 8.75 -23.59 -45.71
C HIS A 209 8.15 -24.38 -44.55
N ALA A 210 7.46 -23.73 -43.61
CA ALA A 210 6.97 -24.40 -42.41
C ALA A 210 5.77 -25.27 -42.70
N LYS A 211 5.72 -26.44 -42.09
CA LYS A 211 4.58 -27.32 -42.26
C LYS A 211 3.54 -27.19 -41.15
N ARG A 212 3.93 -26.76 -39.95
CA ARG A 212 2.98 -26.54 -38.86
C ARG A 212 3.42 -25.35 -38.01
N PRO A 213 3.32 -24.14 -38.56
CA PRO A 213 3.70 -22.94 -37.81
C PRO A 213 2.63 -22.57 -36.78
N ALA A 214 3.04 -21.75 -35.82
CA ALA A 214 2.11 -21.20 -34.83
C ALA A 214 2.65 -19.87 -34.35
N ILE A 215 1.74 -19.01 -33.91
CA ILE A 215 2.09 -17.74 -33.29
C ILE A 215 1.60 -17.77 -31.84
N LEU A 216 2.47 -17.35 -30.92
CA LEU A 216 2.09 -17.10 -29.52
C LEU A 216 2.24 -15.61 -29.29
N ALA A 217 1.12 -14.93 -29.12
CA ALA A 217 1.08 -13.48 -28.99
C ALA A 217 0.81 -13.09 -27.55
N GLY A 218 1.63 -12.22 -27.00
CA GLY A 218 1.50 -11.78 -25.64
C GLY A 218 1.02 -10.35 -25.52
N HIS A 219 1.08 -9.85 -24.28
CA HIS A 219 0.65 -8.50 -23.94
C HIS A 219 1.41 -7.43 -24.73
N GLY A 220 2.61 -7.71 -25.24
CA GLY A 220 3.26 -6.73 -26.09
C GLY A 220 2.43 -6.32 -27.30
N ILE A 221 1.55 -7.20 -27.77
CA ILE A 221 0.67 -6.80 -28.87
C ILE A 221 -0.11 -5.55 -28.49
N GLU A 222 -0.63 -5.51 -27.25
CA GLU A 222 -1.36 -4.33 -26.80
C GLU A 222 -0.44 -3.13 -26.66
N CYS A 223 0.75 -3.34 -26.05
CA CYS A 223 1.66 -2.22 -25.86
C CYS A 223 2.04 -1.61 -27.21
N ALA A 224 2.13 -2.44 -28.24
CA ALA A 224 2.46 -1.97 -29.58
C ALA A 224 1.25 -1.53 -30.39
N LYS A 225 0.04 -1.70 -29.85
CA LYS A 225 -1.18 -1.42 -30.61
C LYS A 225 -1.14 -2.11 -31.97
N ALA A 226 -0.78 -3.40 -31.95
CA ALA A 226 -0.50 -4.15 -33.17
C ALA A 226 -1.62 -5.11 -33.54
N TRP A 227 -2.84 -4.91 -33.02
CA TRP A 227 -3.90 -5.89 -33.24
C TRP A 227 -4.20 -6.08 -34.72
N GLU A 228 -4.36 -4.97 -35.45
CA GLU A 228 -4.78 -5.14 -36.84
C GLU A 228 -3.67 -5.73 -37.69
N GLU A 229 -2.41 -5.37 -37.40
CA GLU A 229 -1.29 -5.96 -38.13
C GLU A 229 -1.16 -7.45 -37.81
N LEU A 230 -1.38 -7.83 -36.55
CA LEU A 230 -1.35 -9.24 -36.20
C LEU A 230 -2.44 -10.01 -36.95
N LEU A 231 -3.66 -9.46 -37.00
CA LEU A 231 -4.76 -10.13 -37.67
C LEU A 231 -4.47 -10.28 -39.16
N ASP A 232 -4.00 -9.21 -39.78
CA ASP A 232 -3.67 -9.26 -41.20
C ASP A 232 -2.51 -10.21 -41.46
N PHE A 233 -1.52 -10.22 -40.56
CA PHE A 233 -0.40 -11.15 -40.75
C PHE A 233 -0.86 -12.60 -40.65
N ALA A 234 -1.69 -12.92 -39.64
CA ALA A 234 -2.16 -14.29 -39.48
C ALA A 234 -3.03 -14.73 -40.65
N GLU A 235 -3.89 -13.84 -41.15
CA GLU A 235 -4.75 -14.20 -42.28
C GLU A 235 -3.94 -14.35 -43.56
N LEU A 236 -2.95 -13.49 -43.75
CA LEU A 236 -2.12 -13.58 -44.94
C LEU A 236 -1.40 -14.92 -44.99
N THR A 237 -0.95 -15.42 -43.85
CA THR A 237 -0.13 -16.63 -43.82
C THR A 237 -0.90 -17.89 -43.46
N GLY A 238 -2.12 -17.77 -42.95
CA GLY A 238 -2.79 -18.95 -42.45
C GLY A 238 -2.21 -19.51 -41.16
N ILE A 239 -1.41 -18.74 -40.44
CA ILE A 239 -0.77 -19.26 -39.23
C ILE A 239 -1.74 -19.11 -38.06
N PRO A 240 -2.04 -20.19 -37.34
CA PRO A 240 -2.92 -20.08 -36.17
C PRO A 240 -2.24 -19.34 -35.02
N VAL A 241 -3.06 -18.68 -34.21
CA VAL A 241 -2.59 -17.74 -33.20
C VAL A 241 -3.11 -18.16 -31.84
N ALA A 242 -2.20 -18.45 -30.93
CA ALA A 242 -2.53 -18.50 -29.51
C ALA A 242 -2.06 -17.21 -28.86
N THR A 243 -2.69 -16.86 -27.74
CA THR A 243 -2.23 -15.77 -26.91
C THR A 243 -1.82 -16.30 -25.55
N THR A 244 -0.99 -15.52 -24.85
CA THR A 244 -0.75 -15.76 -23.44
C THR A 244 -2.01 -15.39 -22.67
N PRO A 245 -2.11 -15.80 -21.41
CA PRO A 245 -3.27 -15.39 -20.61
C PRO A 245 -3.44 -13.87 -20.58
N LYS A 246 -2.37 -13.14 -20.28
CA LYS A 246 -2.47 -11.69 -20.22
C LYS A 246 -2.68 -11.10 -21.61
N GLY A 247 -2.20 -11.78 -22.64
CA GLY A 247 -2.39 -11.34 -24.01
C GLY A 247 -3.77 -11.63 -24.57
N LYS A 248 -4.65 -12.21 -23.79
CA LYS A 248 -6.00 -12.45 -24.23
C LYS A 248 -6.63 -11.10 -24.66
N SER A 249 -7.28 -11.20 -25.82
CA SER A 249 -7.93 -10.16 -26.64
C SER A 249 -6.93 -9.53 -27.63
N SER A 250 -5.75 -10.08 -27.77
CA SER A 250 -4.87 -9.57 -28.77
C SER A 250 -5.26 -10.11 -30.14
N PHE A 251 -6.00 -11.20 -30.16
CA PHE A 251 -6.44 -11.82 -31.39
C PHE A 251 -7.89 -12.26 -31.20
N PRO A 252 -8.75 -12.07 -32.20
CA PRO A 252 -10.19 -12.38 -31.99
C PRO A 252 -10.41 -13.87 -31.77
N GLU A 253 -11.01 -14.21 -30.64
CA GLU A 253 -11.10 -15.61 -30.24
C GLU A 253 -12.19 -16.38 -30.97
N ASN A 254 -13.06 -15.71 -31.72
CA ASN A 254 -14.02 -16.36 -32.61
C ASN A 254 -13.47 -16.56 -34.02
N HIS A 255 -12.23 -16.16 -34.25
CA HIS A 255 -11.62 -16.28 -35.57
C HIS A 255 -11.22 -17.73 -35.84
N ALA A 256 -11.30 -18.13 -37.11
CA ALA A 256 -10.98 -19.51 -37.46
C ALA A 256 -9.52 -19.85 -37.17
N LEU A 257 -8.65 -18.86 -37.11
CA LEU A 257 -7.24 -19.11 -36.85
C LEU A 257 -6.89 -19.06 -35.36
N SER A 258 -7.86 -18.85 -34.48
CA SER A 258 -7.57 -18.69 -33.06
C SER A 258 -7.43 -20.03 -32.36
N LEU A 259 -6.33 -20.20 -31.66
CA LEU A 259 -6.10 -21.35 -30.81
C LEU A 259 -6.61 -21.13 -29.39
N GLY A 260 -7.05 -19.91 -29.08
CA GLY A 260 -7.40 -19.56 -27.72
C GLY A 260 -6.14 -19.23 -26.93
N VAL A 261 -6.25 -19.42 -25.62
CA VAL A 261 -5.19 -19.06 -24.68
C VAL A 261 -4.31 -20.28 -24.44
N PHE A 262 -2.99 -20.11 -24.54
CA PHE A 262 -2.04 -21.12 -24.11
C PHE A 262 -1.52 -20.80 -22.70
N GLY A 263 -1.47 -21.81 -21.84
CA GLY A 263 -0.89 -21.60 -20.52
C GLY A 263 -1.91 -21.67 -19.40
N PHE A 264 -1.70 -20.89 -18.35
CA PHE A 264 -2.54 -21.00 -17.17
C PHE A 264 -4.01 -20.74 -17.53
N ALA A 265 -4.87 -21.67 -17.13
CA ALA A 265 -6.30 -21.63 -17.41
C ALA A 265 -6.60 -21.60 -18.91
N GLY A 266 -5.65 -22.02 -19.75
CA GLY A 266 -5.81 -21.92 -21.18
C GLY A 266 -6.68 -23.04 -21.73
N HIS A 267 -6.69 -23.14 -23.05
CA HIS A 267 -7.60 -24.02 -23.77
C HIS A 267 -6.86 -25.22 -24.33
N GLN A 268 -7.53 -26.37 -24.30
CA GLN A 268 -6.92 -27.61 -24.79
C GLN A 268 -6.50 -27.47 -26.24
N LYS A 269 -7.30 -26.78 -27.04
CA LYS A 269 -6.95 -26.55 -28.43
C LYS A 269 -5.55 -25.94 -28.54
N ALA A 270 -5.26 -24.92 -27.72
CA ALA A 270 -3.93 -24.34 -27.78
C ALA A 270 -2.88 -25.30 -27.22
N THR A 271 -3.23 -26.02 -26.15
CA THR A 271 -2.29 -26.99 -25.58
C THR A 271 -1.93 -28.09 -26.57
N ASP A 272 -2.94 -28.66 -27.23
CA ASP A 272 -2.68 -29.71 -28.22
C ASP A 272 -1.79 -29.20 -29.33
N TYR A 273 -2.07 -27.99 -29.82
CA TYR A 273 -1.34 -27.50 -30.98
C TYR A 273 0.14 -27.27 -30.66
N LEU A 274 0.41 -26.64 -29.52
CA LEU A 274 1.73 -26.11 -29.23
C LEU A 274 2.66 -27.08 -28.51
N LEU A 275 2.13 -28.05 -27.78
CA LEU A 275 2.98 -29.00 -27.06
C LEU A 275 3.01 -30.37 -27.71
N SER A 276 2.36 -30.52 -28.86
CA SER A 276 2.28 -31.81 -29.55
C SER A 276 3.63 -32.28 -30.09
N GLY A 277 4.61 -31.39 -30.25
CA GLY A 277 5.84 -31.74 -30.93
C GLY A 277 5.78 -31.56 -32.43
N ASP A 278 4.63 -31.15 -32.96
CA ASP A 278 4.48 -31.01 -34.40
C ASP A 278 4.72 -29.58 -34.89
N VAL A 279 4.75 -28.60 -33.99
CA VAL A 279 5.03 -27.23 -34.41
C VAL A 279 6.51 -27.15 -34.80
N ASP A 280 6.76 -26.75 -36.05
CA ASP A 280 8.15 -26.62 -36.48
C ASP A 280 8.69 -25.21 -36.35
N VAL A 281 7.87 -24.19 -36.62
CA VAL A 281 8.26 -22.78 -36.54
C VAL A 281 7.29 -22.08 -35.60
N LEU A 282 7.79 -21.60 -34.46
CA LEU A 282 6.99 -20.89 -33.49
C LEU A 282 7.43 -19.43 -33.43
N ILE A 283 6.48 -18.51 -33.58
CA ILE A 283 6.74 -17.08 -33.55
C ILE A 283 6.13 -16.55 -32.26
N VAL A 284 7.00 -16.11 -31.35
CA VAL A 284 6.58 -15.46 -30.11
C VAL A 284 6.65 -13.97 -30.32
N ILE A 285 5.53 -13.27 -30.14
CA ILE A 285 5.49 -11.82 -30.34
C ILE A 285 5.07 -11.18 -29.03
N GLY A 286 5.99 -10.42 -28.43
CA GLY A 286 5.64 -9.61 -27.27
C GLY A 286 5.18 -10.39 -26.06
N SER A 287 5.84 -11.50 -25.76
CA SER A 287 5.62 -12.20 -24.50
C SER A 287 6.96 -12.35 -23.78
N SER A 288 6.94 -12.15 -22.46
CA SER A 288 8.14 -12.41 -21.67
C SER A 288 8.37 -13.89 -21.41
N LEU A 289 7.44 -14.77 -21.79
CA LEU A 289 7.60 -16.21 -21.63
C LEU A 289 7.90 -16.58 -20.17
N GLY A 290 7.13 -15.98 -19.26
CA GLY A 290 7.18 -16.36 -17.86
C GLY A 290 6.43 -17.67 -17.60
N ASP A 291 6.19 -17.92 -16.32
CA ASP A 291 5.67 -19.21 -15.84
C ASP A 291 4.31 -19.55 -16.44
N TRP A 292 3.34 -18.67 -16.22
CA TRP A 292 1.98 -18.95 -16.69
C TRP A 292 1.90 -18.96 -18.20
N GLN A 293 2.79 -18.21 -18.88
CA GLN A 293 2.81 -18.18 -20.33
C GLN A 293 3.36 -19.46 -20.95
N THR A 294 4.02 -20.31 -20.17
CA THR A 294 4.77 -21.43 -20.75
C THR A 294 4.49 -22.75 -20.05
N ASN A 295 3.44 -22.81 -19.22
CA ASN A 295 3.18 -23.94 -18.34
C ASN A 295 4.44 -24.36 -17.59
N SER A 296 4.97 -23.43 -16.78
CA SER A 296 6.23 -23.59 -16.04
C SER A 296 7.38 -24.05 -16.95
N TRP A 297 7.60 -23.29 -18.01
CA TRP A 297 8.75 -23.47 -18.89
C TRP A 297 8.81 -24.91 -19.42
N ASP A 298 7.65 -25.37 -19.85
CA ASP A 298 7.53 -26.70 -20.45
C ASP A 298 8.47 -26.81 -21.64
N PRO A 299 9.37 -27.80 -21.66
CA PRO A 299 10.27 -27.94 -22.81
C PRO A 299 9.55 -28.31 -24.08
N ARG A 300 8.36 -28.92 -24.00
CA ARG A 300 7.63 -29.26 -25.20
C ARG A 300 7.20 -28.05 -26.00
N LEU A 301 7.23 -26.85 -25.41
CA LEU A 301 6.94 -25.66 -26.19
C LEU A 301 8.01 -25.43 -27.29
N THR A 302 9.21 -25.95 -27.09
CA THR A 302 10.29 -25.75 -28.07
C THR A 302 9.87 -26.26 -29.45
N PRO A 303 9.96 -25.45 -30.48
CA PRO A 303 9.63 -25.90 -31.84
C PRO A 303 10.76 -26.76 -32.40
N SER A 304 10.43 -27.55 -33.43
CA SER A 304 11.41 -28.50 -33.94
C SER A 304 12.36 -27.89 -34.95
N VAL A 305 12.03 -26.73 -35.53
CA VAL A 305 12.90 -26.15 -36.54
C VAL A 305 13.41 -24.77 -36.09
N ALA A 306 12.49 -23.86 -35.77
CA ALA A 306 12.95 -22.51 -35.44
C ALA A 306 12.00 -21.86 -34.45
N LEU A 307 12.57 -21.24 -33.41
CA LEU A 307 11.87 -20.32 -32.53
C LEU A 307 12.27 -18.89 -32.92
N ILE A 308 11.27 -18.09 -33.24
CA ILE A 308 11.43 -16.68 -33.58
C ILE A 308 10.81 -15.88 -32.44
N GLN A 309 11.56 -14.92 -31.89
CA GLN A 309 11.01 -14.11 -30.81
C GLN A 309 11.16 -12.63 -31.13
N ILE A 310 10.04 -11.90 -31.06
CA ILE A 310 10.00 -10.48 -31.37
C ILE A 310 9.70 -9.73 -30.09
N ASP A 311 10.57 -8.82 -29.70
CA ASP A 311 10.37 -8.12 -28.44
C ASP A 311 11.06 -6.77 -28.48
N ILE A 312 10.41 -5.74 -27.93
CA ILE A 312 11.06 -4.43 -27.90
C ILE A 312 12.16 -4.39 -26.84
N ASP A 313 12.16 -5.32 -25.90
CA ASP A 313 13.13 -5.34 -24.80
C ASP A 313 14.20 -6.38 -25.14
N PRO A 314 15.42 -5.97 -25.46
CA PRO A 314 16.42 -6.97 -25.87
C PRO A 314 16.78 -7.94 -24.78
N MET A 315 16.56 -7.60 -23.50
CA MET A 315 16.89 -8.48 -22.39
C MET A 315 15.94 -9.66 -22.24
N GLU A 316 14.77 -9.63 -22.90
CA GLU A 316 13.84 -10.75 -22.88
C GLU A 316 14.14 -11.80 -23.94
N ILE A 317 14.93 -11.47 -24.95
CA ILE A 317 15.07 -12.34 -26.11
C ILE A 317 16.01 -13.50 -25.76
N GLY A 318 15.50 -14.72 -25.85
CA GLY A 318 16.28 -15.89 -25.52
C GLY A 318 16.46 -16.15 -24.05
N LYS A 319 15.66 -15.53 -23.21
CA LYS A 319 15.76 -15.71 -21.79
C LYS A 319 15.55 -17.13 -21.29
N ASN A 320 14.45 -17.72 -21.65
CA ASN A 320 14.09 -19.06 -21.16
C ASN A 320 14.12 -20.14 -22.22
N TYR A 321 14.04 -19.79 -23.52
CA TYR A 321 14.10 -20.72 -24.62
C TYR A 321 15.10 -20.20 -25.64
N PRO A 322 15.99 -21.05 -26.16
CA PRO A 322 16.92 -20.56 -27.19
C PRO A 322 16.16 -20.17 -28.44
N VAL A 323 16.55 -19.04 -29.03
CA VAL A 323 15.89 -18.54 -30.22
C VAL A 323 16.80 -18.74 -31.41
N ASP A 324 16.18 -18.88 -32.56
CA ASP A 324 16.88 -18.96 -33.83
C ASP A 324 16.89 -17.64 -34.56
N VAL A 325 15.81 -16.86 -34.42
CA VAL A 325 15.75 -15.49 -34.92
C VAL A 325 15.27 -14.64 -33.73
N GLY A 326 16.17 -13.81 -33.19
CA GLY A 326 15.84 -12.93 -32.10
C GLY A 326 15.74 -11.50 -32.58
N ILE A 327 14.52 -10.98 -32.69
CA ILE A 327 14.26 -9.68 -33.31
C ILE A 327 13.99 -8.69 -32.20
N ASN A 328 14.87 -7.69 -32.07
CA ASN A 328 14.67 -6.61 -31.11
C ASN A 328 13.95 -5.48 -31.83
N ALA A 329 12.63 -5.43 -31.73
CA ALA A 329 11.87 -4.41 -32.46
C ALA A 329 10.48 -4.31 -31.87
N ASP A 330 9.81 -3.22 -32.23
CA ASP A 330 8.40 -3.05 -31.91
C ASP A 330 7.58 -4.09 -32.69
N ALA A 331 6.54 -4.62 -32.03
CA ALA A 331 5.73 -5.67 -32.65
C ALA A 331 4.98 -5.16 -33.87
N SER A 332 4.48 -3.92 -33.82
CA SER A 332 3.72 -3.41 -34.95
C SER A 332 4.63 -3.16 -36.15
N GLU A 333 5.82 -2.61 -35.91
CA GLU A 333 6.75 -2.39 -37.01
C GLU A 333 7.20 -3.70 -37.63
N THR A 334 7.42 -4.72 -36.79
CA THR A 334 7.85 -6.02 -37.30
C THR A 334 6.74 -6.66 -38.14
N LEU A 335 5.52 -6.68 -37.63
CA LEU A 335 4.44 -7.30 -38.37
C LEU A 335 4.17 -6.56 -39.69
N LYS A 336 4.19 -5.23 -39.67
CA LYS A 336 4.01 -4.50 -40.92
C LYS A 336 5.10 -4.88 -41.91
N ALA A 337 6.34 -4.95 -41.44
CA ALA A 337 7.44 -5.32 -42.32
C ALA A 337 7.22 -6.71 -42.90
N LEU A 338 6.81 -7.66 -42.06
CA LEU A 338 6.58 -9.02 -42.54
C LEU A 338 5.43 -9.05 -43.55
N ILE A 339 4.37 -8.28 -43.31
CA ILE A 339 3.27 -8.26 -44.27
C ILE A 339 3.75 -7.71 -45.61
N LEU A 340 4.55 -6.65 -45.56
CA LEU A 340 5.03 -6.02 -46.77
C LEU A 340 5.88 -6.97 -47.59
N CYS A 341 6.72 -7.75 -46.90
CA CYS A 341 7.61 -8.69 -47.57
C CYS A 341 6.84 -9.86 -48.17
N ILE A 342 5.96 -10.46 -47.37
CA ILE A 342 5.24 -11.65 -47.84
C ILE A 342 4.28 -11.29 -48.95
N ARG A 343 3.60 -10.14 -48.85
CA ARG A 343 2.67 -9.74 -49.90
C ARG A 343 3.41 -9.46 -51.20
N SER A 344 4.38 -8.54 -51.16
CA SER A 344 5.20 -8.30 -52.35
C SER A 344 5.73 -9.61 -52.94
N SER A 345 6.03 -10.62 -52.18
CA SER A 345 6.56 -11.82 -52.79
C SER A 345 5.54 -12.51 -53.63
N GLY A 346 4.30 -12.36 -53.25
CA GLY A 346 3.21 -13.03 -53.91
C GLY A 346 3.07 -14.51 -53.60
N LYS A 347 3.84 -15.08 -52.68
CA LYS A 347 3.69 -16.51 -52.45
C LYS A 347 2.73 -16.92 -51.35
N GLY A 375 -24.90 -21.86 -4.65
CA GLY A 375 -24.70 -20.63 -5.40
C GLY A 375 -24.84 -20.82 -6.91
N ILE A 376 -24.39 -19.84 -7.69
CA ILE A 376 -24.37 -19.96 -9.13
C ILE A 376 -23.02 -20.53 -9.57
N HIS A 377 -23.04 -21.50 -10.48
CA HIS A 377 -21.79 -22.02 -10.99
C HIS A 377 -21.10 -20.92 -11.79
N PRO A 378 -19.82 -20.62 -11.50
CA PRO A 378 -19.18 -19.47 -12.15
C PRO A 378 -19.16 -19.55 -13.67
N ALA A 379 -19.10 -20.76 -14.24
CA ALA A 379 -19.17 -20.86 -15.70
C ALA A 379 -20.52 -20.36 -16.23
N MET A 380 -21.58 -20.51 -15.42
CA MET A 380 -22.88 -19.97 -15.82
C MET A 380 -22.91 -18.45 -15.73
N VAL A 381 -22.18 -17.88 -14.77
CA VAL A 381 -22.04 -16.44 -14.70
C VAL A 381 -21.39 -15.91 -15.98
N VAL A 382 -20.27 -16.52 -16.38
CA VAL A 382 -19.57 -16.07 -17.57
C VAL A 382 -20.42 -16.28 -18.82
N GLU A 383 -21.14 -17.41 -18.91
CA GLU A 383 -22.00 -17.58 -20.08
C GLU A 383 -23.07 -16.49 -20.12
N ALA A 384 -23.66 -16.15 -18.98
CA ALA A 384 -24.66 -15.08 -18.96
C ALA A 384 -24.04 -13.76 -19.38
N MET A 385 -22.84 -13.46 -18.86
CA MET A 385 -22.12 -12.31 -19.35
C MET A 385 -21.93 -12.41 -20.86
N GLN A 386 -21.50 -13.56 -21.34
CA GLN A 386 -21.35 -13.68 -22.77
C GLN A 386 -22.65 -13.45 -23.47
N ASN A 387 -23.75 -13.82 -22.82
CA ASN A 387 -25.11 -13.78 -23.35
C ASN A 387 -25.75 -12.37 -23.26
N ARG A 388 -25.12 -11.37 -22.67
CA ARG A 388 -25.69 -9.97 -22.54
C ARG A 388 -24.69 -8.87 -22.91
N LEU A 389 -23.36 -9.05 -22.65
CA LEU A 389 -22.46 -7.89 -22.76
C LEU A 389 -22.30 -7.48 -24.21
N PRO A 390 -22.39 -6.19 -24.52
CA PRO A 390 -22.13 -5.75 -25.88
C PRO A 390 -20.73 -6.13 -26.32
N ALA A 391 -20.55 -6.16 -27.65
CA ALA A 391 -19.29 -6.62 -28.22
C ALA A 391 -18.14 -5.68 -27.87
N ASP A 392 -18.43 -4.39 -27.72
CA ASP A 392 -17.40 -3.41 -27.41
C ASP A 392 -17.10 -3.32 -25.91
N THR A 393 -17.60 -4.26 -25.09
CA THR A 393 -17.35 -4.19 -23.66
C THR A 393 -15.86 -4.39 -23.36
N ILE A 394 -15.32 -3.56 -22.47
CA ILE A 394 -13.99 -3.78 -21.91
C ILE A 394 -14.16 -4.51 -20.59
N LEU A 395 -13.64 -5.73 -20.50
CA LEU A 395 -13.79 -6.57 -19.32
C LEU A 395 -12.50 -6.54 -18.51
N PHE A 396 -12.57 -5.98 -17.30
CA PHE A 396 -11.48 -6.03 -16.33
C PHE A 396 -11.69 -7.28 -15.48
N VAL A 397 -10.62 -8.04 -15.29
CA VAL A 397 -10.69 -9.26 -14.50
C VAL A 397 -9.66 -9.12 -13.40
N ASP A 398 -10.07 -9.37 -12.17
CA ASP A 398 -9.17 -9.20 -11.04
C ASP A 398 -8.35 -10.47 -10.87
N ASN A 399 -7.70 -10.60 -9.73
CA ASN A 399 -6.85 -11.74 -9.45
C ASN A 399 -7.43 -12.53 -8.27
N GLY A 400 -7.46 -13.83 -8.42
CA GLY A 400 -8.31 -14.75 -7.69
C GLY A 400 -8.83 -15.78 -8.67
N SER A 401 -9.83 -16.57 -8.26
CA SER A 401 -10.34 -17.56 -9.19
C SER A 401 -10.98 -16.92 -10.41
N CYS A 402 -11.39 -15.64 -10.33
CA CYS A 402 -11.82 -14.90 -11.52
C CYS A 402 -10.83 -15.04 -12.68
N ILE A 403 -9.53 -15.09 -12.39
CA ILE A 403 -8.57 -15.29 -13.47
C ILE A 403 -8.96 -16.51 -14.28
N ASN A 404 -9.12 -17.65 -13.59
CA ASN A 404 -9.42 -18.90 -14.28
C ASN A 404 -10.73 -18.80 -15.05
N TRP A 405 -11.78 -18.27 -14.41
CA TRP A 405 -13.08 -18.20 -15.10
C TRP A 405 -13.03 -17.23 -16.27
N GLY A 406 -12.41 -16.07 -16.10
CA GLY A 406 -12.36 -15.11 -17.20
C GLY A 406 -11.47 -15.59 -18.33
N VAL A 407 -10.26 -16.02 -18.01
CA VAL A 407 -9.33 -16.44 -19.06
C VAL A 407 -9.89 -17.61 -19.84
N HIS A 408 -10.49 -18.58 -19.15
CA HIS A 408 -10.90 -19.81 -19.81
C HIS A 408 -12.26 -19.66 -20.48
N CYS A 409 -13.22 -19.07 -19.79
CA CYS A 409 -14.62 -19.18 -20.23
C CYS A 409 -15.11 -18.00 -21.04
N TYR A 410 -14.48 -16.84 -20.95
CA TYR A 410 -14.96 -15.67 -21.66
C TYR A 410 -14.34 -15.62 -23.04
N LEU A 411 -15.16 -15.43 -24.05
CA LEU A 411 -14.66 -15.33 -25.42
C LEU A 411 -14.43 -13.85 -25.73
N ALA A 412 -13.19 -13.48 -25.99
CA ALA A 412 -12.89 -12.11 -26.30
C ALA A 412 -12.77 -11.88 -27.77
N GLN A 413 -13.58 -11.01 -28.28
CA GLN A 413 -13.58 -10.74 -29.68
C GLN A 413 -12.99 -9.44 -30.08
N THR A 414 -12.99 -8.47 -29.22
CA THR A 414 -12.55 -7.15 -29.54
C THR A 414 -11.14 -6.85 -29.11
N PRO A 415 -10.37 -6.18 -29.95
CA PRO A 415 -8.96 -5.91 -29.61
C PRO A 415 -8.82 -5.15 -28.30
N GLY A 416 -8.01 -5.70 -27.40
CA GLY A 416 -7.71 -5.03 -26.16
C GLY A 416 -8.83 -4.99 -25.14
N ALA A 417 -9.95 -5.68 -25.40
CA ALA A 417 -11.10 -5.59 -24.51
C ALA A 417 -11.04 -6.55 -23.32
N PHE A 418 -9.96 -7.28 -23.15
CA PHE A 418 -9.77 -8.14 -21.97
C PHE A 418 -8.59 -7.57 -21.22
N GLN A 419 -8.84 -7.07 -20.01
CA GLN A 419 -7.84 -6.32 -19.24
C GLN A 419 -7.57 -7.06 -17.93
N ILE A 420 -6.44 -7.72 -17.87
CA ILE A 420 -6.03 -8.47 -16.71
C ILE A 420 -4.57 -8.14 -16.38
N GLY A 421 -4.32 -7.90 -15.11
CA GLY A 421 -3.01 -7.53 -14.63
C GLY A 421 -2.26 -8.69 -14.06
N LEU A 422 -1.83 -9.60 -14.91
CA LEU A 422 -1.15 -10.78 -14.47
C LEU A 422 0.33 -10.66 -14.21
N GLY A 423 0.95 -9.56 -14.60
CA GLY A 423 2.35 -9.40 -14.31
C GLY A 423 2.65 -9.54 -12.83
N LEU A 424 1.92 -8.79 -12.00
CA LEU A 424 2.03 -8.91 -10.56
C LEU A 424 0.82 -9.59 -9.93
N ALA A 425 -0.32 -9.63 -10.64
CA ALA A 425 -1.52 -10.32 -10.15
C ALA A 425 -1.90 -9.85 -8.74
N ALA A 426 -2.01 -8.53 -8.59
CA ALA A 426 -2.36 -7.95 -7.30
C ALA A 426 -3.86 -7.96 -7.12
N MET A 427 -4.33 -8.55 -6.02
CA MET A 427 -5.75 -8.48 -5.71
C MET A 427 -6.20 -7.04 -5.60
N GLY A 428 -7.35 -6.72 -6.17
CA GLY A 428 -7.91 -5.39 -6.11
C GLY A 428 -7.55 -4.49 -7.26
N HIS A 429 -6.56 -4.88 -8.07
CA HIS A 429 -6.15 -4.14 -9.26
C HIS A 429 -7.34 -3.83 -10.16
N ALA A 430 -8.05 -4.87 -10.58
CA ALA A 430 -9.16 -4.68 -11.52
C ALA A 430 -10.28 -3.88 -10.87
N VAL A 431 -10.51 -4.10 -9.57
CA VAL A 431 -11.57 -3.37 -8.86
C VAL A 431 -11.43 -1.88 -9.11
N ALA A 432 -10.20 -1.37 -9.02
CA ALA A 432 -9.94 0.06 -9.23
C ALA A 432 -9.58 0.39 -10.67
N ALA A 433 -8.78 -0.46 -11.33
CA ALA A 433 -8.35 -0.09 -12.68
C ALA A 433 -9.54 0.15 -13.59
N ALA A 434 -10.66 -0.57 -13.37
CA ALA A 434 -11.82 -0.43 -14.25
C ALA A 434 -12.33 1.01 -14.29
N ILE A 435 -12.16 1.76 -13.20
CA ILE A 435 -12.62 3.14 -13.20
C ILE A 435 -11.77 3.98 -14.15
N GLY A 436 -10.45 3.79 -14.12
CA GLY A 436 -9.61 4.49 -15.08
C GLY A 436 -9.93 4.07 -16.50
N GLY A 437 -10.19 2.78 -16.72
CA GLY A 437 -10.55 2.34 -18.05
C GLY A 437 -11.81 3.03 -18.57
N LYS A 438 -12.83 3.19 -17.72
CA LYS A 438 -14.05 3.83 -18.18
C LYS A 438 -13.79 5.29 -18.54
N LEU A 439 -12.94 5.97 -17.76
CA LEU A 439 -12.63 7.36 -18.10
C LEU A 439 -11.86 7.45 -19.41
N ALA A 440 -11.11 6.41 -19.77
CA ALA A 440 -10.37 6.39 -21.01
C ALA A 440 -11.27 6.08 -22.20
N ALA A 441 -12.35 5.32 -21.98
CA ALA A 441 -13.25 4.91 -23.04
C ALA A 441 -14.69 5.14 -22.57
N PRO A 442 -15.09 6.40 -22.42
CA PRO A 442 -16.40 6.66 -21.77
C PRO A 442 -17.59 6.20 -22.58
N ASP A 443 -17.43 6.05 -23.89
CA ASP A 443 -18.49 5.58 -24.77
C ASP A 443 -18.64 4.07 -24.78
N ARG A 444 -17.82 3.32 -24.04
CA ARG A 444 -17.85 1.88 -24.08
C ARG A 444 -18.26 1.29 -22.73
N PRO A 445 -18.95 0.15 -22.73
CA PRO A 445 -19.29 -0.50 -21.47
C PRO A 445 -18.03 -1.04 -20.82
N VAL A 446 -17.92 -0.85 -19.51
CA VAL A 446 -16.78 -1.33 -18.74
C VAL A 446 -17.31 -2.14 -17.57
N VAL A 447 -16.86 -3.40 -17.48
CA VAL A 447 -17.32 -4.36 -16.49
C VAL A 447 -16.10 -4.98 -15.83
N ALA A 448 -16.18 -5.20 -14.52
CA ALA A 448 -15.10 -5.79 -13.77
C ALA A 448 -15.58 -7.06 -13.10
N LEU A 449 -14.86 -8.14 -13.29
CA LEU A 449 -15.17 -9.43 -12.67
C LEU A 449 -14.13 -9.66 -11.58
N VAL A 450 -14.58 -9.67 -10.32
CA VAL A 450 -13.69 -9.61 -9.16
C VAL A 450 -14.20 -10.53 -8.05
N GLY A 451 -13.27 -10.99 -7.22
CA GLY A 451 -13.61 -11.76 -6.04
C GLY A 451 -13.95 -10.88 -4.83
N ASP A 452 -14.56 -11.51 -3.82
CA ASP A 452 -14.99 -10.76 -2.65
C ASP A 452 -13.80 -10.29 -1.80
N ALA A 453 -12.77 -11.12 -1.64
CA ALA A 453 -11.60 -10.66 -0.89
C ALA A 453 -10.90 -9.51 -1.62
N ALA A 454 -10.78 -9.60 -2.95
CA ALA A 454 -10.17 -8.48 -3.67
C ALA A 454 -11.02 -7.22 -3.54
N PHE A 455 -12.35 -7.37 -3.55
CA PHE A 455 -13.19 -6.19 -3.37
C PHE A 455 -13.07 -5.63 -1.97
N ALA A 456 -12.83 -6.47 -0.95
CA ALA A 456 -12.58 -5.93 0.38
C ALA A 456 -11.29 -5.12 0.45
N MET A 457 -10.33 -5.37 -0.44
CA MET A 457 -9.07 -4.62 -0.41
C MET A 457 -9.19 -3.23 -1.04
N ASN A 458 -9.91 -3.09 -2.16
CA ASN A 458 -9.95 -1.80 -2.85
C ASN A 458 -11.35 -1.40 -3.30
N GLY A 459 -12.39 -2.10 -2.84
CA GLY A 459 -13.74 -1.83 -3.28
C GLY A 459 -14.29 -0.50 -2.82
N MET A 460 -13.67 0.11 -1.79
CA MET A 460 -14.10 1.45 -1.39
C MET A 460 -14.03 2.42 -2.56
N GLU A 461 -13.23 2.13 -3.59
CA GLU A 461 -13.14 3.04 -4.73
C GLU A 461 -14.45 3.13 -5.51
N ILE A 462 -15.42 2.25 -5.30
CA ILE A 462 -16.69 2.47 -6.00
C ILE A 462 -17.34 3.77 -5.55
N HIS A 463 -16.98 4.30 -4.38
CA HIS A 463 -17.46 5.63 -3.99
C HIS A 463 -16.89 6.70 -4.90
N THR A 464 -15.66 6.52 -5.35
CA THR A 464 -15.08 7.42 -6.34
C THR A 464 -15.90 7.41 -7.64
N ALA A 465 -16.30 6.21 -8.09
CA ALA A 465 -17.15 6.11 -9.27
C ALA A 465 -18.50 6.79 -9.05
N ALA A 466 -19.08 6.64 -7.85
CA ALA A 466 -20.34 7.32 -7.54
C ALA A 466 -20.16 8.83 -7.51
N GLU A 467 -19.08 9.31 -6.87
CA GLU A 467 -18.82 10.74 -6.75
C GLU A 467 -18.76 11.41 -8.12
N TYR A 468 -18.08 10.79 -9.09
CA TYR A 468 -17.93 11.37 -10.41
C TYR A 468 -18.90 10.78 -11.42
N LYS A 469 -19.83 9.95 -10.99
CA LYS A 469 -20.83 9.37 -11.89
C LYS A 469 -20.17 8.63 -13.05
N ILE A 470 -19.28 7.71 -12.71
CA ILE A 470 -18.54 6.93 -13.70
C ILE A 470 -19.23 5.56 -13.81
N PRO A 471 -19.91 5.26 -14.93
CA PRO A 471 -20.69 4.01 -15.00
C PRO A 471 -19.82 2.80 -15.28
N VAL A 472 -19.48 2.08 -14.20
CA VAL A 472 -18.76 0.81 -14.28
C VAL A 472 -19.61 -0.21 -13.57
N THR A 473 -19.59 -1.46 -14.03
CA THR A 473 -20.33 -2.53 -13.37
C THR A 473 -19.35 -3.51 -12.74
N TRP A 474 -19.43 -3.66 -11.43
CA TRP A 474 -18.65 -4.66 -10.72
C TRP A 474 -19.49 -5.92 -10.53
N ILE A 475 -18.94 -7.06 -10.93
CA ILE A 475 -19.52 -8.37 -10.66
C ILE A 475 -18.64 -9.04 -9.62
N VAL A 476 -19.14 -9.16 -8.41
CA VAL A 476 -18.36 -9.72 -7.31
C VAL A 476 -18.74 -11.18 -7.16
N LEU A 477 -17.76 -12.06 -7.39
CA LEU A 477 -17.91 -13.49 -7.12
C LEU A 477 -17.76 -13.66 -5.61
N ASN A 478 -18.91 -13.70 -4.91
CA ASN A 478 -18.91 -13.72 -3.45
C ASN A 478 -18.95 -15.18 -2.97
N ASN A 479 -17.77 -15.76 -2.74
CA ASN A 479 -17.69 -17.11 -2.19
C ASN A 479 -17.32 -17.12 -0.70
N GLY A 480 -17.48 -15.99 -0.01
CA GLY A 480 -17.22 -15.94 1.41
C GLY A 480 -15.79 -16.24 1.80
N GLY A 481 -14.81 -15.73 1.04
CA GLY A 481 -13.43 -15.85 1.43
C GLY A 481 -12.49 -16.03 0.23
N HIS A 482 -11.32 -16.61 0.51
CA HIS A 482 -10.21 -16.70 -0.45
C HIS A 482 -10.28 -18.05 -1.14
N GLY A 483 -11.01 -18.09 -2.26
CA GLY A 483 -11.27 -19.33 -3.00
C GLY A 483 -10.05 -20.13 -3.39
N LEU A 484 -9.11 -19.50 -4.10
CA LEU A 484 -7.90 -20.20 -4.52
C LEU A 484 -7.09 -20.71 -3.33
N VAL A 485 -7.10 -19.96 -2.22
CA VAL A 485 -6.35 -20.42 -1.05
C VAL A 485 -7.06 -21.61 -0.41
N HIS A 486 -8.39 -21.55 -0.30
CA HIS A 486 -9.19 -22.66 0.20
C HIS A 486 -8.95 -23.94 -0.61
N LEU A 487 -8.94 -23.82 -1.94
CA LEU A 487 -8.68 -25.01 -2.75
C LEU A 487 -7.25 -25.52 -2.54
N GLY A 488 -6.29 -24.61 -2.39
CA GLY A 488 -4.93 -25.03 -2.07
C GLY A 488 -4.85 -25.77 -0.75
N GLU A 489 -5.60 -25.32 0.26
CA GLU A 489 -5.63 -26.04 1.54
C GLU A 489 -6.15 -27.46 1.34
N GLN A 490 -7.18 -27.62 0.51
CA GLN A 490 -7.78 -28.94 0.29
C GLN A 490 -6.87 -29.83 -0.56
N HIS A 491 -6.30 -29.30 -1.62
CA HIS A 491 -5.58 -30.11 -2.59
C HIS A 491 -4.10 -30.26 -2.31
N GLN A 492 -3.53 -29.39 -1.47
CA GLN A 492 -2.12 -29.48 -1.14
C GLN A 492 -1.84 -29.64 0.33
N PHE A 493 -2.81 -29.38 1.23
CA PHE A 493 -2.57 -29.47 2.66
C PHE A 493 -3.63 -30.30 3.38
N ASP A 494 -4.34 -31.17 2.65
CA ASP A 494 -5.27 -32.15 3.25
C ASP A 494 -6.29 -31.51 4.17
N SER A 495 -6.71 -30.29 3.85
CA SER A 495 -7.71 -29.60 4.66
C SER A 495 -7.31 -29.58 6.14
N LYS A 496 -6.01 -29.56 6.41
CA LYS A 496 -5.52 -29.57 7.79
C LYS A 496 -5.79 -28.25 8.51
N PHE A 497 -6.02 -27.17 7.78
CA PHE A 497 -6.26 -25.86 8.37
C PHE A 497 -7.03 -25.02 7.37
N ASP A 498 -7.70 -24.00 7.88
CA ASP A 498 -8.47 -23.07 7.06
C ASP A 498 -8.10 -21.65 7.46
N ILE A 499 -7.46 -20.93 6.54
CA ILE A 499 -7.16 -19.52 6.72
C ILE A 499 -7.75 -18.70 5.58
N SER A 500 -8.80 -19.24 4.96
CA SER A 500 -9.35 -18.74 3.71
C SER A 500 -10.82 -18.37 3.78
N SER A 501 -11.61 -19.03 4.63
CA SER A 501 -13.06 -18.85 4.66
C SER A 501 -13.42 -17.78 5.67
N PHE A 502 -14.28 -16.84 5.27
CA PHE A 502 -14.83 -15.91 6.23
C PHE A 502 -15.85 -16.62 7.11
N ARG A 503 -15.89 -16.26 8.40
CA ARG A 503 -16.97 -16.71 9.25
C ARG A 503 -18.29 -16.08 8.81
N LYS A 504 -18.31 -14.84 8.31
CA LYS A 504 -19.61 -14.38 7.88
C LYS A 504 -19.26 -13.55 6.64
N SER A 505 -19.71 -13.99 5.45
CA SER A 505 -19.48 -13.25 4.22
C SER A 505 -19.96 -11.79 4.30
N ILE A 506 -19.27 -10.95 3.55
CA ILE A 506 -19.60 -9.53 3.44
C ILE A 506 -20.84 -9.33 2.56
N ASP A 507 -21.69 -8.39 2.96
CA ASP A 507 -22.89 -8.04 2.19
C ASP A 507 -22.54 -6.89 1.26
N PHE A 508 -22.15 -7.21 0.01
CA PHE A 508 -21.69 -6.15 -0.88
C PHE A 508 -22.82 -5.25 -1.37
N CYS A 509 -24.08 -5.70 -1.33
CA CYS A 509 -25.16 -4.80 -1.71
C CYS A 509 -25.33 -3.69 -0.68
N LYS A 510 -25.23 -4.05 0.59
CA LYS A 510 -25.26 -3.06 1.66
C LYS A 510 -24.04 -2.14 1.62
N MET A 511 -22.87 -2.70 1.31
CA MET A 511 -21.70 -1.84 1.19
C MET A 511 -21.86 -0.85 0.04
N ALA A 512 -22.31 -1.34 -1.12
CA ALA A 512 -22.56 -0.44 -2.26
C ALA A 512 -23.55 0.65 -1.88
N GLU A 513 -24.66 0.26 -1.24
CA GLU A 513 -25.63 1.25 -0.79
C GLU A 513 -24.96 2.29 0.12
N SER A 514 -24.16 1.84 1.09
CA SER A 514 -23.49 2.78 1.98
C SER A 514 -22.63 3.77 1.19
N LEU A 515 -22.13 3.36 0.02
CA LEU A 515 -21.27 4.21 -0.78
C LEU A 515 -22.00 4.90 -1.92
N GLY A 516 -23.34 4.85 -1.94
CA GLY A 516 -24.12 5.58 -2.93
C GLY A 516 -24.15 4.95 -4.32
N VAL A 517 -24.02 3.63 -4.39
CA VAL A 517 -23.94 2.87 -5.64
C VAL A 517 -25.08 1.87 -5.66
N LYS A 518 -25.86 1.86 -6.75
CA LYS A 518 -26.92 0.86 -6.91
C LYS A 518 -26.33 -0.54 -6.99
N SER A 519 -27.07 -1.53 -6.49
CA SER A 519 -26.53 -2.88 -6.36
C SER A 519 -27.64 -3.92 -6.55
N TYR A 520 -27.23 -5.15 -6.88
CA TYR A 520 -28.14 -6.28 -6.98
C TYR A 520 -27.51 -7.50 -6.35
N ARG A 521 -28.31 -8.31 -5.70
CA ARG A 521 -27.87 -9.61 -5.20
C ARG A 521 -28.39 -10.69 -6.14
N ALA A 522 -27.52 -11.61 -6.54
CA ALA A 522 -27.92 -12.66 -7.48
C ALA A 522 -27.57 -14.01 -6.88
N GLU A 523 -28.59 -14.82 -6.63
CA GLU A 523 -28.39 -16.18 -6.17
C GLU A 523 -28.81 -17.24 -7.19
N THR A 524 -29.42 -16.82 -8.29
CA THR A 524 -29.73 -17.69 -9.42
C THR A 524 -29.26 -17.02 -10.71
N VAL A 525 -29.07 -17.83 -11.75
CA VAL A 525 -28.64 -17.25 -13.02
C VAL A 525 -29.71 -16.30 -13.55
N GLU A 526 -30.99 -16.55 -13.24
CA GLU A 526 -32.05 -15.66 -13.69
C GLU A 526 -31.94 -14.30 -13.01
N ASP A 527 -31.65 -14.29 -11.71
CA ASP A 527 -31.40 -13.04 -11.01
C ASP A 527 -30.17 -12.34 -11.57
N PHE A 528 -29.13 -13.11 -11.92
CA PHE A 528 -27.91 -12.47 -12.43
C PHE A 528 -28.16 -11.81 -13.77
N ASP A 529 -28.83 -12.51 -14.69
CA ASP A 529 -29.14 -11.94 -16.00
C ASP A 529 -29.94 -10.65 -15.87
N ALA A 530 -30.91 -10.64 -14.96
CA ALA A 530 -31.68 -9.42 -14.74
C ALA A 530 -30.79 -8.31 -14.18
N ALA A 531 -29.93 -8.64 -13.26
CA ALA A 531 -29.02 -7.64 -12.72
C ALA A 531 -28.09 -7.04 -13.76
N LEU A 532 -27.50 -7.87 -14.58
CA LEU A 532 -26.59 -7.37 -15.58
C LEU A 532 -27.29 -6.44 -16.55
N LYS A 533 -28.46 -6.84 -16.98
CA LYS A 533 -29.27 -6.04 -17.84
C LYS A 533 -29.56 -4.68 -17.22
N GLY A 534 -29.95 -4.66 -15.98
CA GLY A 534 -30.21 -3.43 -15.32
C GLY A 534 -28.96 -2.57 -15.22
N ALA A 535 -27.86 -3.21 -14.87
CA ALA A 535 -26.60 -2.53 -14.73
C ALA A 535 -26.14 -1.89 -16.02
N LEU A 536 -26.27 -2.59 -17.11
CA LEU A 536 -25.81 -2.03 -18.38
C LEU A 536 -26.62 -0.81 -18.79
N ALA A 537 -27.89 -0.75 -18.44
CA ALA A 537 -28.70 0.39 -18.79
C ALA A 537 -28.55 1.61 -17.92
N MET A 538 -27.88 1.49 -16.79
CA MET A 538 -27.67 2.63 -15.93
C MET A 538 -26.60 3.56 -16.44
N ASN A 539 -26.64 4.81 -16.07
CA ASN A 539 -25.58 5.70 -16.45
C ASN A 539 -24.94 6.08 -15.16
N THR A 540 -24.86 5.13 -14.25
CA THR A 540 -24.30 5.33 -12.94
C THR A 540 -23.65 3.97 -12.62
N PRO A 541 -22.70 3.97 -11.69
CA PRO A 541 -22.08 2.71 -11.35
C PRO A 541 -23.02 1.71 -10.70
N CYS A 542 -22.71 0.46 -10.82
CA CYS A 542 -23.53 -0.62 -10.31
C CYS A 542 -22.68 -1.79 -9.82
N LEU A 543 -23.15 -2.45 -8.78
CA LEU A 543 -22.46 -3.60 -8.23
C LEU A 543 -23.43 -4.78 -8.19
N ILE A 544 -22.95 -5.95 -8.61
CA ILE A 544 -23.74 -7.17 -8.59
C ILE A 544 -23.04 -8.18 -7.67
N ASP A 545 -23.72 -8.57 -6.60
CA ASP A 545 -23.18 -9.47 -5.58
C ASP A 545 -23.67 -10.89 -5.90
N VAL A 546 -22.77 -11.74 -6.40
CA VAL A 546 -23.14 -13.06 -6.92
C VAL A 546 -22.79 -14.12 -5.89
N GLN A 547 -23.76 -14.98 -5.54
CA GLN A 547 -23.48 -16.09 -4.63
C GLN A 547 -22.72 -17.18 -5.37
N VAL A 548 -21.58 -17.58 -4.84
CA VAL A 548 -20.73 -18.58 -5.46
C VAL A 548 -20.22 -19.55 -4.40
N ASP A 549 -20.14 -20.83 -4.76
CA ASP A 549 -19.66 -21.87 -3.84
C ASP A 549 -18.13 -21.87 -3.83
N ILE A 550 -17.54 -21.72 -2.64
CA ILE A 550 -16.09 -21.63 -2.52
C ILE A 550 -15.40 -22.93 -2.94
N ASP A 551 -16.15 -24.04 -3.00
CA ASP A 551 -15.59 -25.36 -3.28
C ASP A 551 -15.39 -25.65 -4.76
N VAL A 552 -16.02 -24.87 -5.66
CA VAL A 552 -15.95 -25.20 -7.08
C VAL A 552 -14.51 -25.09 -7.57
N LEU A 553 -14.06 -26.08 -8.33
CA LEU A 553 -12.68 -26.05 -8.80
C LEU A 553 -12.61 -25.33 -10.13
N PRO A 554 -11.85 -24.24 -10.24
CA PRO A 554 -11.85 -23.47 -11.49
C PRO A 554 -11.07 -24.16 -12.58
N PRO A 555 -11.34 -23.84 -13.82
CA PRO A 555 -10.60 -24.42 -14.93
C PRO A 555 -9.11 -24.22 -14.81
N GLY A 556 -8.37 -25.30 -15.02
CA GLY A 556 -6.95 -25.24 -14.95
C GLY A 556 -6.29 -25.37 -13.59
N MET A 557 -7.08 -25.46 -12.53
CA MET A 557 -6.54 -25.53 -11.20
C MET A 557 -5.99 -26.88 -10.87
N LYS A 558 -6.70 -27.90 -11.26
CA LYS A 558 -6.23 -29.24 -11.06
C LYS A 558 -4.88 -29.45 -11.77
N GLN A 559 -4.76 -28.97 -12.98
CA GLN A 559 -3.51 -29.09 -13.69
C GLN A 559 -2.41 -28.36 -12.91
N ARG A 560 -2.68 -27.15 -12.43
CA ARG A 560 -1.66 -26.46 -11.67
C ARG A 560 -1.34 -27.16 -10.38
N PHE A 561 -2.30 -27.84 -9.78
CA PHE A 561 -2.04 -28.54 -8.53
C PHE A 561 -1.13 -29.76 -8.72
N ASP A 562 -1.29 -30.50 -9.79
CA ASP A 562 -0.48 -31.70 -9.96
C ASP A 562 1.02 -31.43 -10.12
N SER B 3 23.49 -35.54 14.00
CA SER B 3 22.34 -36.29 13.51
C SER B 3 21.17 -35.97 14.42
N SER B 4 21.14 -34.74 14.92
CA SER B 4 20.11 -34.20 15.82
C SER B 4 18.71 -33.90 15.22
N LYS B 5 17.78 -33.64 16.15
CA LYS B 5 16.37 -33.51 15.85
C LYS B 5 16.10 -32.49 14.81
N THR B 6 15.39 -32.80 13.75
CA THR B 6 15.10 -31.78 12.76
C THR B 6 13.65 -31.39 12.57
N VAL B 7 13.47 -30.13 12.24
CA VAL B 7 12.19 -29.58 11.88
C VAL B 7 12.36 -28.84 10.56
N THR B 8 11.27 -28.37 9.99
CA THR B 8 11.37 -27.55 8.80
C THR B 8 11.90 -26.17 9.18
N ALA B 9 12.55 -25.52 8.20
CA ALA B 9 13.09 -24.18 8.45
C ALA B 9 11.98 -23.25 8.95
N VAL B 10 10.80 -23.34 8.35
CA VAL B 10 9.75 -22.41 8.73
C VAL B 10 9.20 -22.76 10.12
N GLU B 11 9.23 -24.04 10.51
CA GLU B 11 8.84 -24.35 11.89
C GLU B 11 9.83 -23.77 12.89
N LEU B 12 11.12 -23.85 12.58
CA LEU B 12 12.12 -23.26 13.47
C LEU B 12 11.82 -21.78 13.67
N LEU B 13 11.53 -21.07 12.57
CA LEU B 13 11.19 -19.66 12.66
C LEU B 13 10.00 -19.44 13.59
N VAL B 14 8.96 -20.27 13.47
CA VAL B 14 7.78 -20.11 14.32
C VAL B 14 8.14 -20.32 15.78
N ARG B 15 8.89 -21.40 16.06
CA ARG B 15 9.27 -21.71 17.43
C ARG B 15 10.16 -20.63 18.03
N GLN B 16 11.04 -20.04 17.24
CA GLN B 16 11.89 -18.98 17.74
C GLN B 16 11.06 -17.73 18.06
N MET B 17 10.03 -17.46 17.28
CA MET B 17 9.10 -16.37 17.60
C MET B 17 8.31 -16.67 18.86
N GLU B 18 7.94 -17.95 19.07
CA GLU B 18 7.31 -18.34 20.32
C GLU B 18 8.16 -17.92 21.51
N ALA B 19 9.46 -18.21 21.44
CA ALA B 19 10.35 -17.87 22.54
C ALA B 19 10.38 -16.38 22.83
N GLU B 20 10.04 -15.54 21.84
CA GLU B 20 9.96 -14.11 22.07
C GLU B 20 8.60 -13.67 22.60
N GLY B 21 7.69 -14.61 22.87
CA GLY B 21 6.38 -14.22 23.35
C GLY B 21 5.46 -13.69 22.27
N VAL B 22 5.76 -13.98 21.00
CA VAL B 22 4.85 -13.61 19.92
C VAL B 22 3.56 -14.41 20.06
N SER B 23 2.42 -13.73 19.99
CA SER B 23 1.15 -14.41 20.15
C SER B 23 0.26 -14.36 18.92
N TYR B 24 0.55 -13.49 17.96
CA TYR B 24 -0.27 -13.34 16.77
C TYR B 24 0.62 -13.06 15.57
N VAL B 25 0.17 -13.53 14.42
CA VAL B 25 0.76 -13.14 13.14
C VAL B 25 -0.36 -12.60 12.27
N PHE B 26 -0.27 -11.31 11.93
CA PHE B 26 -1.28 -10.64 11.11
C PHE B 26 -0.86 -10.72 9.64
N GLY B 27 -1.80 -11.09 8.77
CA GLY B 27 -1.44 -11.13 7.37
C GLY B 27 -2.52 -11.75 6.51
N ILE B 28 -2.12 -12.01 5.26
CA ILE B 28 -2.96 -12.62 4.25
C ILE B 28 -2.17 -13.70 3.52
N PRO B 29 -2.73 -14.88 3.34
CA PRO B 29 -1.97 -15.97 2.73
C PRO B 29 -1.80 -15.81 1.23
N GLY B 30 -0.94 -16.69 0.71
CA GLY B 30 -0.69 -16.83 -0.71
C GLY B 30 0.16 -18.07 -0.92
N GLY B 31 0.18 -18.55 -2.17
CA GLY B 31 0.83 -19.79 -2.50
C GLY B 31 2.18 -20.15 -1.92
N PRO B 32 3.13 -19.20 -1.96
CA PRO B 32 4.50 -19.51 -1.49
C PRO B 32 4.54 -19.28 0.02
N LEU B 33 3.54 -18.64 0.60
CA LEU B 33 3.47 -18.39 2.03
C LEU B 33 2.82 -19.53 2.80
N MET B 34 2.18 -20.46 2.10
CA MET B 34 1.40 -21.49 2.80
C MET B 34 2.23 -22.31 3.78
N PRO B 35 3.50 -22.62 3.53
CA PRO B 35 4.25 -23.37 4.55
C PRO B 35 4.31 -22.67 5.89
N LEU B 36 4.37 -21.34 5.92
CA LEU B 36 4.35 -20.64 7.21
C LEU B 36 3.05 -20.91 7.93
N TYR B 37 1.92 -20.82 7.22
CA TYR B 37 0.64 -21.08 7.85
C TYR B 37 0.54 -22.52 8.32
N GLU B 38 1.04 -23.47 7.51
CA GLU B 38 1.07 -24.86 7.94
C GLU B 38 1.84 -25.01 9.26
N ALA B 39 3.00 -24.36 9.37
CA ALA B 39 3.75 -24.45 10.62
C ALA B 39 3.01 -23.80 11.78
N ILE B 40 2.37 -22.65 11.53
CA ILE B 40 1.65 -21.98 12.62
C ILE B 40 0.53 -22.87 13.14
N PHE B 41 -0.28 -23.43 12.22
CA PHE B 41 -1.41 -24.25 12.64
C PHE B 41 -0.96 -25.55 13.26
N SER B 42 0.24 -26.04 12.93
CA SER B 42 0.69 -27.26 13.54
C SER B 42 1.18 -27.05 14.97
N ARG B 43 1.56 -25.83 15.33
CA ARG B 43 2.08 -25.55 16.67
C ARG B 43 1.01 -25.15 17.66
N LYS B 44 -0.10 -24.59 17.18
CA LYS B 44 -1.23 -24.24 18.03
C LYS B 44 -0.78 -23.41 19.24
N LYS B 45 0.00 -22.37 18.98
CA LYS B 45 0.31 -21.39 20.02
C LYS B 45 0.14 -19.97 19.48
N ILE B 46 0.94 -19.60 18.49
CA ILE B 46 0.74 -18.34 17.79
C ILE B 46 -0.54 -18.43 16.98
N GLN B 47 -1.36 -17.38 17.06
CA GLN B 47 -2.64 -17.37 16.35
C GLN B 47 -2.55 -16.53 15.09
N PRO B 48 -2.87 -17.06 13.92
CA PRO B 48 -2.90 -16.23 12.72
C PRO B 48 -4.17 -15.39 12.70
N ILE B 49 -4.03 -14.14 12.25
CA ILE B 49 -5.14 -13.21 12.08
C ILE B 49 -5.22 -12.86 10.59
N LEU B 50 -6.29 -13.28 9.93
CA LEU B 50 -6.54 -12.93 8.54
C LEU B 50 -7.08 -11.51 8.46
N THR B 51 -6.38 -10.64 7.74
CA THR B 51 -6.86 -9.28 7.56
C THR B 51 -7.42 -9.09 6.15
N LYS B 52 -7.99 -7.92 5.90
CA LYS B 52 -8.56 -7.63 4.59
C LYS B 52 -7.53 -7.06 3.63
N HIS B 53 -6.46 -6.46 4.15
CA HIS B 53 -5.43 -5.81 3.35
C HIS B 53 -4.12 -5.96 4.11
N GLU B 54 -3.03 -6.23 3.39
CA GLU B 54 -1.77 -6.41 4.10
C GLU B 54 -1.35 -5.14 4.81
N GLU B 55 -1.75 -3.98 4.29
CA GLU B 55 -1.46 -2.74 5.00
C GLU B 55 -2.09 -2.76 6.39
N GLY B 56 -3.35 -3.21 6.47
CA GLY B 56 -4.00 -3.32 7.76
C GLY B 56 -3.31 -4.33 8.63
N ALA B 57 -2.77 -5.41 8.03
CA ALA B 57 -2.02 -6.38 8.82
C ALA B 57 -0.80 -5.72 9.46
N ALA B 58 -0.08 -4.88 8.70
CA ALA B 58 1.09 -4.19 9.22
C ALA B 58 0.70 -3.16 10.29
N PHE B 59 -0.37 -2.38 10.06
CA PHE B 59 -0.85 -1.47 11.11
C PHE B 59 -1.20 -2.25 12.38
N MET B 60 -1.85 -3.40 12.23
CA MET B 60 -2.26 -4.16 13.41
C MET B 60 -1.05 -4.65 14.19
N ALA B 61 -0.06 -5.19 13.49
CA ALA B 61 1.16 -5.62 14.15
C ALA B 61 1.80 -4.43 14.86
N GLU B 62 1.76 -3.26 14.23
CA GLU B 62 2.34 -2.06 14.83
C GLU B 62 1.60 -1.69 16.11
N GLY B 63 0.27 -1.71 16.06
CA GLY B 63 -0.52 -1.43 17.25
C GLY B 63 -0.34 -2.47 18.32
N TYR B 64 -0.32 -3.76 17.92
CA TYR B 64 -0.06 -4.81 18.90
C TYR B 64 1.29 -4.58 19.57
N ALA B 65 2.33 -4.27 18.79
CA ALA B 65 3.66 -4.07 19.36
C ALA B 65 3.68 -2.89 20.34
N ARG B 66 3.10 -1.74 19.95
CA ARG B 66 3.19 -0.58 20.82
C ARG B 66 2.48 -0.82 22.14
N VAL B 67 1.29 -1.44 22.11
CA VAL B 67 0.56 -1.66 23.34
C VAL B 67 1.20 -2.78 24.15
N SER B 68 1.63 -3.87 23.50
CA SER B 68 2.16 -5.00 24.26
C SER B 68 3.56 -4.76 24.77
N GLY B 69 4.31 -3.84 24.17
CA GLY B 69 5.72 -3.73 24.46
C GLY B 69 6.53 -4.87 23.90
N LYS B 70 5.95 -5.68 23.02
CA LYS B 70 6.60 -6.86 22.47
C LYS B 70 6.75 -6.70 20.96
N LEU B 71 7.31 -7.72 20.34
CA LEU B 71 7.49 -7.71 18.90
C LEU B 71 6.15 -7.96 18.21
N GLY B 72 5.82 -7.15 17.20
CA GLY B 72 4.68 -7.42 16.36
C GLY B 72 5.12 -8.14 15.10
N VAL B 73 4.28 -9.02 14.58
CA VAL B 73 4.65 -9.82 13.42
C VAL B 73 3.52 -9.83 12.39
N CYS B 74 3.85 -9.51 11.15
CA CYS B 74 2.88 -9.66 10.06
C CYS B 74 3.53 -10.48 8.92
N CYS B 75 2.70 -11.12 8.12
CA CYS B 75 3.21 -11.86 6.97
C CYS B 75 2.43 -11.49 5.70
N ALA B 76 3.15 -11.52 4.58
CA ALA B 76 2.57 -11.26 3.27
C ALA B 76 3.22 -12.15 2.23
N THR B 77 2.50 -12.40 1.15
CA THR B 77 2.99 -13.25 0.09
C THR B 77 3.92 -12.45 -0.84
N THR B 78 4.46 -13.13 -1.85
CA THR B 78 5.30 -12.51 -2.86
C THR B 78 4.65 -11.28 -3.45
N GLY B 79 5.45 -10.39 -4.02
CA GLY B 79 4.96 -9.32 -4.88
C GLY B 79 4.00 -8.36 -4.23
N PRO B 80 2.76 -8.34 -4.71
CA PRO B 80 1.81 -7.30 -4.26
C PRO B 80 1.32 -7.50 -2.85
N GLY B 81 1.37 -8.74 -2.33
CA GLY B 81 1.11 -8.93 -0.92
C GLY B 81 2.09 -8.14 -0.06
N ALA B 82 3.38 -8.33 -0.31
CA ALA B 82 4.39 -7.61 0.47
C ALA B 82 4.35 -6.12 0.20
N THR B 83 4.18 -5.71 -1.06
CA THR B 83 4.18 -4.27 -1.30
C THR B 83 2.97 -3.61 -0.65
N ASN B 84 1.84 -4.32 -0.49
CA ASN B 84 0.69 -3.76 0.20
C ASN B 84 0.98 -3.44 1.66
N ALA B 85 1.97 -4.10 2.27
CA ALA B 85 2.29 -3.87 3.67
C ALA B 85 3.13 -2.63 3.89
N LEU B 86 3.70 -2.03 2.83
CA LEU B 86 4.82 -1.11 3.00
C LEU B 86 4.48 0.08 3.90
N THR B 87 3.34 0.73 3.65
CA THR B 87 3.02 1.91 4.45
C THR B 87 3.03 1.59 5.94
N GLY B 88 2.49 0.42 6.32
CA GLY B 88 2.49 0.04 7.72
C GLY B 88 3.90 -0.17 8.26
N ILE B 89 4.76 -0.80 7.47
CA ILE B 89 6.14 -0.94 7.89
C ILE B 89 6.80 0.43 7.97
N ALA B 90 6.48 1.32 7.02
CA ALA B 90 7.07 2.66 7.07
C ALA B 90 6.62 3.42 8.32
N CYS B 91 5.41 3.15 8.81
CA CYS B 91 4.97 3.82 10.04
C CYS B 91 5.68 3.24 11.25
N ALA B 92 5.88 1.93 11.27
CA ALA B 92 6.66 1.34 12.35
C ALA B 92 8.06 1.91 12.35
N TYR B 93 8.64 2.09 11.17
CA TYR B 93 9.97 2.65 11.06
C TYR B 93 10.02 4.06 11.61
N SER B 94 9.01 4.87 11.28
CA SER B 94 9.04 6.26 11.73
C SER B 94 8.67 6.40 13.21
N ASP B 95 7.98 5.43 13.81
CA ASP B 95 7.65 5.51 15.22
C ASP B 95 8.55 4.62 16.09
N SER B 96 9.59 4.02 15.51
CA SER B 96 10.52 3.17 16.26
C SER B 96 9.79 2.02 16.96
N THR B 97 8.94 1.33 16.21
CA THR B 97 8.20 0.17 16.70
C THR B 97 8.79 -1.09 16.12
N PRO B 98 9.03 -2.10 16.95
CA PRO B 98 9.57 -3.37 16.44
C PRO B 98 8.49 -4.23 15.78
N VAL B 99 8.46 -4.20 14.45
CA VAL B 99 7.54 -5.02 13.66
C VAL B 99 8.37 -5.89 12.73
N LEU B 100 8.11 -7.18 12.76
CA LEU B 100 8.75 -8.12 11.84
C LEU B 100 7.76 -8.41 10.71
N LEU B 101 8.16 -8.09 9.48
CA LEU B 101 7.39 -8.48 8.30
C LEU B 101 8.06 -9.70 7.66
N LEU B 102 7.34 -10.82 7.63
CA LEU B 102 7.76 -12.04 6.96
C LEU B 102 7.13 -12.07 5.58
N THR B 103 7.95 -12.13 4.52
CA THR B 103 7.40 -12.23 3.17
C THR B 103 7.88 -13.50 2.48
N ALA B 104 7.03 -14.00 1.59
CA ALA B 104 7.40 -15.17 0.81
C ALA B 104 8.22 -14.78 -0.42
N GLN B 105 8.96 -15.74 -0.92
CA GLN B 105 9.74 -15.61 -2.13
C GLN B 105 9.50 -16.85 -2.97
N VAL B 106 9.60 -16.70 -4.29
CA VAL B 106 9.42 -17.85 -5.18
C VAL B 106 10.56 -18.83 -4.92
N GLY B 107 10.43 -20.04 -5.45
CA GLY B 107 11.49 -21.03 -5.32
C GLY B 107 12.73 -20.62 -6.09
N THR B 108 13.88 -20.97 -5.51
CA THR B 108 15.16 -20.56 -6.09
C THR B 108 15.29 -21.01 -7.54
N ALA B 109 14.75 -22.19 -7.87
CA ALA B 109 14.90 -22.69 -9.24
C ALA B 109 14.20 -21.81 -10.27
N ALA B 110 13.35 -20.89 -9.84
CA ALA B 110 12.62 -20.04 -10.78
C ALA B 110 13.21 -18.64 -10.88
N PHE B 111 14.28 -18.34 -10.14
CA PHE B 111 14.87 -17.01 -10.16
C PHE B 111 15.26 -16.61 -11.58
N GLY B 112 14.85 -15.42 -11.99
CA GLY B 112 15.28 -14.89 -13.28
C GLY B 112 14.58 -15.49 -14.47
N LYS B 113 13.59 -16.36 -14.27
CA LYS B 113 12.83 -16.95 -15.36
C LYS B 113 11.45 -16.30 -15.55
N GLY B 114 11.06 -15.36 -14.70
CA GLY B 114 9.74 -14.77 -14.82
C GLY B 114 8.74 -15.57 -13.99
N ALA B 115 9.10 -15.81 -12.74
CA ALA B 115 8.22 -16.58 -11.87
C ALA B 115 6.98 -15.75 -11.52
N LEU B 116 5.92 -16.44 -11.15
CA LEU B 116 4.72 -15.76 -10.69
C LEU B 116 5.07 -14.82 -9.53
N GLN B 117 4.77 -13.53 -9.70
CA GLN B 117 5.03 -12.55 -8.66
C GLN B 117 6.49 -12.61 -8.20
N GLU B 118 7.40 -12.82 -9.15
CA GLU B 118 8.81 -12.94 -8.83
C GLU B 118 9.27 -11.73 -8.03
N SER B 119 9.90 -11.99 -6.87
CA SER B 119 10.16 -10.93 -5.90
C SER B 119 11.65 -10.73 -5.70
N THR B 120 12.42 -10.99 -6.74
CA THR B 120 13.88 -10.87 -6.76
C THR B 120 14.27 -9.57 -7.45
N VAL B 121 15.59 -9.38 -7.59
CA VAL B 121 16.12 -8.29 -8.39
C VAL B 121 15.60 -8.37 -9.82
N HIS B 122 15.27 -9.57 -10.31
CA HIS B 122 14.76 -9.71 -11.68
C HIS B 122 13.28 -9.40 -11.80
N GLY B 123 12.55 -9.31 -10.70
CA GLY B 123 11.14 -8.99 -10.75
C GLY B 123 10.88 -7.73 -9.94
N VAL B 124 10.05 -7.86 -8.89
CA VAL B 124 9.74 -6.79 -7.96
C VAL B 124 10.60 -7.03 -6.72
N ASP B 125 11.69 -6.24 -6.59
CA ASP B 125 12.75 -6.55 -5.63
C ASP B 125 12.35 -6.10 -4.22
N LEU B 126 11.66 -7.01 -3.51
CA LEU B 126 11.13 -6.69 -2.18
C LEU B 126 12.24 -6.30 -1.22
N VAL B 127 13.36 -7.03 -1.26
CA VAL B 127 14.42 -6.73 -0.31
C VAL B 127 14.90 -5.30 -0.49
N SER B 128 15.05 -4.86 -1.74
CA SER B 128 15.52 -3.50 -1.98
C SER B 128 14.42 -2.47 -1.71
N ILE B 129 13.17 -2.82 -1.98
CA ILE B 129 12.07 -1.88 -1.74
C ILE B 129 11.96 -1.58 -0.26
N PHE B 130 12.08 -2.60 0.61
CA PHE B 130 11.89 -2.39 2.03
C PHE B 130 13.15 -1.90 2.72
N SER B 131 14.30 -1.99 2.06
CA SER B 131 15.55 -1.59 2.68
C SER B 131 15.52 -0.18 3.27
N PRO B 132 14.96 0.85 2.63
CA PRO B 132 15.00 2.20 3.23
C PRO B 132 14.14 2.37 4.47
N ILE B 133 13.13 1.52 4.69
CA ILE B 133 12.28 1.75 5.86
C ILE B 133 12.30 0.55 6.81
N THR B 134 13.39 -0.20 6.81
CA THR B 134 13.59 -1.22 7.82
C THR B 134 14.99 -1.06 8.39
N LYS B 135 15.18 -1.57 9.61
CA LYS B 135 16.54 -1.67 10.13
C LYS B 135 17.30 -2.79 9.44
N LEU B 136 16.60 -3.80 8.94
CA LEU B 136 17.22 -4.91 8.25
C LEU B 136 16.24 -5.48 7.24
N SER B 137 16.71 -5.69 6.02
CA SER B 137 15.90 -6.29 4.96
C SER B 137 16.78 -7.30 4.23
N VAL B 138 16.41 -8.57 4.29
CA VAL B 138 17.31 -9.62 3.81
C VAL B 138 16.48 -10.82 3.38
N MET B 139 16.99 -11.56 2.39
CA MET B 139 16.42 -12.84 1.97
C MET B 139 17.22 -13.98 2.61
N ILE B 140 16.51 -14.93 3.24
CA ILE B 140 17.17 -16.08 3.87
C ILE B 140 17.84 -16.88 2.76
N PRO B 141 19.18 -17.04 2.78
CA PRO B 141 19.86 -17.68 1.63
C PRO B 141 19.73 -19.19 1.61
N THR B 142 19.68 -19.82 2.79
CA THR B 142 19.58 -21.27 2.87
C THR B 142 18.79 -21.62 4.13
N ALA B 143 18.22 -22.82 4.14
CA ALA B 143 17.47 -23.25 5.31
C ALA B 143 18.38 -23.26 6.55
N GLU B 144 19.64 -23.66 6.37
CA GLU B 144 20.59 -23.74 7.48
C GLU B 144 20.76 -22.39 8.17
N LYS B 145 20.54 -21.28 7.46
CA LYS B 145 20.73 -19.96 8.05
C LYS B 145 19.45 -19.39 8.64
N MET B 146 18.34 -20.14 8.62
CA MET B 146 17.06 -19.62 9.13
C MET B 146 17.17 -19.20 10.60
N GLY B 147 17.75 -20.05 11.44
CA GLY B 147 17.84 -19.73 12.85
C GLY B 147 18.65 -18.47 13.09
N GLU B 148 19.86 -18.41 12.52
CA GLU B 148 20.73 -17.24 12.68
C GLU B 148 20.06 -15.96 12.18
N MET B 149 19.44 -16.03 11.01
CA MET B 149 18.80 -14.84 10.45
C MET B 149 17.59 -14.41 11.27
N THR B 150 16.84 -15.38 11.83
CA THR B 150 15.70 -15.06 12.67
C THR B 150 16.14 -14.37 13.95
N ARG B 151 17.14 -14.91 14.60
CA ARG B 151 17.68 -14.31 15.79
C ARG B 151 18.26 -12.93 15.53
N ARG B 152 18.89 -12.77 14.39
CA ARG B 152 19.41 -11.51 13.95
C ARG B 152 18.27 -10.52 13.79
N ALA B 153 17.22 -10.91 13.10
CA ALA B 153 16.06 -10.03 12.95
C ALA B 153 15.51 -9.62 14.31
N LEU B 154 15.35 -10.59 15.23
CA LEU B 154 14.77 -10.28 16.54
C LEU B 154 15.69 -9.38 17.35
N ARG B 155 17.00 -9.64 17.31
CA ARG B 155 17.95 -8.76 17.99
C ARG B 155 17.88 -7.35 17.42
N THR B 156 17.85 -7.26 16.08
CA THR B 156 17.92 -5.94 15.45
C THR B 156 16.65 -5.13 15.71
N ALA B 157 15.48 -5.79 15.70
CA ALA B 157 14.22 -5.06 15.88
C ALA B 157 14.14 -4.39 17.23
N GLN B 158 14.65 -5.05 18.28
CA GLN B 158 14.39 -4.62 19.66
C GLN B 158 15.60 -4.06 20.39
N SER B 159 16.74 -3.94 19.74
CA SER B 159 17.93 -3.35 20.34
C SER B 159 18.12 -1.94 19.81
N GLY B 160 18.92 -1.15 20.53
CA GLY B 160 19.08 0.25 20.14
C GLY B 160 17.72 0.93 19.97
N ARG B 161 17.63 1.79 18.97
CA ARG B 161 16.34 2.37 18.62
C ARG B 161 15.49 1.30 17.94
N PRO B 162 14.38 0.88 18.52
CA PRO B 162 13.61 -0.23 17.93
C PRO B 162 13.09 0.17 16.56
N GLY B 163 12.89 -0.85 15.72
CA GLY B 163 12.35 -0.61 14.39
C GLY B 163 11.98 -1.90 13.69
N PRO B 164 11.40 -1.80 12.50
CA PRO B 164 10.91 -2.99 11.79
C PRO B 164 11.98 -3.73 11.01
N ILE B 165 11.65 -4.99 10.69
CA ILE B 165 12.55 -5.89 9.97
C ILE B 165 11.78 -6.55 8.84
N HIS B 166 12.44 -6.77 7.70
CA HIS B 166 11.85 -7.53 6.60
C HIS B 166 12.67 -8.80 6.36
N LEU B 167 12.06 -9.96 6.57
CA LEU B 167 12.67 -11.26 6.26
C LEU B 167 11.92 -11.90 5.10
N ASN B 168 12.66 -12.17 4.03
CA ASN B 168 12.10 -12.73 2.79
C ASN B 168 12.52 -14.19 2.71
N ILE B 169 11.56 -15.08 2.45
CA ILE B 169 11.81 -16.52 2.59
C ILE B 169 11.48 -17.29 1.30
N PRO B 170 12.47 -17.82 0.59
CA PRO B 170 12.17 -18.62 -0.60
C PRO B 170 11.33 -19.85 -0.24
N ALA B 171 10.33 -20.12 -1.06
CA ALA B 171 9.35 -21.12 -0.67
C ALA B 171 9.96 -22.51 -0.61
N ASP B 172 10.99 -22.78 -1.41
CA ASP B 172 11.62 -24.09 -1.36
C ASP B 172 12.50 -24.25 -0.12
N ILE B 173 13.16 -23.17 0.33
CA ILE B 173 13.92 -23.22 1.57
C ILE B 173 13.02 -23.54 2.76
N ALA B 174 11.76 -23.14 2.69
CA ALA B 174 10.92 -23.08 3.88
C ALA B 174 10.73 -24.45 4.51
N LYS B 175 10.63 -25.50 3.71
CA LYS B 175 10.36 -26.82 4.25
C LYS B 175 11.58 -27.72 4.22
N HIS B 176 12.77 -27.16 4.06
CA HIS B 176 13.97 -27.96 4.23
C HIS B 176 14.18 -28.26 5.71
N PRO B 177 14.72 -29.44 6.03
CA PRO B 177 14.98 -29.79 7.42
C PRO B 177 16.21 -29.05 7.94
N VAL B 178 16.12 -28.61 9.18
CA VAL B 178 17.23 -27.96 9.89
C VAL B 178 17.27 -28.51 11.31
N PRO B 179 18.43 -28.42 11.96
CA PRO B 179 18.50 -28.79 13.38
C PRO B 179 17.60 -27.88 14.21
N LEU B 180 16.90 -28.46 15.17
CA LEU B 180 16.00 -27.71 16.04
C LEU B 180 16.85 -26.96 17.08
N GLU B 181 17.10 -25.69 16.80
CA GLU B 181 18.00 -24.87 17.62
C GLU B 181 17.28 -23.57 17.94
N VAL B 182 16.62 -23.52 19.10
CA VAL B 182 15.86 -22.37 19.55
C VAL B 182 16.46 -21.88 20.86
N PHE B 183 16.66 -20.56 20.98
CA PHE B 183 17.35 -19.94 22.11
C PHE B 183 16.41 -19.00 22.84
N PRO B 184 16.59 -18.84 24.16
CA PRO B 184 15.85 -17.77 24.85
C PRO B 184 16.35 -16.42 24.40
N PRO B 185 15.49 -15.39 24.43
CA PRO B 185 15.91 -14.07 23.92
C PRO B 185 17.18 -13.53 24.55
N MET B 186 17.45 -13.83 25.82
CA MET B 186 18.59 -13.22 26.47
C MET B 186 19.92 -13.72 25.91
N ASN B 187 19.92 -14.85 25.21
CA ASN B 187 21.15 -15.40 24.65
C ASN B 187 21.63 -14.69 23.39
N TYR B 188 20.75 -14.05 22.63
CA TYR B 188 21.12 -13.50 21.32
C TYR B 188 20.86 -12.00 21.18
N ARG B 189 20.56 -11.31 22.27
CA ARG B 189 20.53 -9.85 22.25
C ARG B 189 20.89 -9.34 23.63
N GLY B 190 21.50 -8.16 23.67
CA GLY B 190 22.06 -7.60 24.88
C GLY B 190 21.09 -6.68 25.61
N GLY B 191 21.59 -6.09 26.68
CA GLY B 191 20.82 -5.20 27.51
C GLY B 191 20.79 -3.78 26.97
N LYS B 192 20.34 -2.87 27.83
CA LYS B 192 20.12 -1.49 27.45
C LYS B 192 21.27 -0.61 27.93
N PRO B 193 21.64 0.42 27.18
CA PRO B 193 22.70 1.32 27.64
C PRO B 193 22.22 2.24 28.75
N ALA B 194 23.14 2.55 29.65
CA ALA B 194 22.91 3.43 30.79
C ALA B 194 23.77 4.68 30.66
N PRO B 195 23.45 5.73 31.41
CA PRO B 195 24.32 6.92 31.43
C PRO B 195 25.58 6.65 32.24
N THR B 196 26.61 7.45 31.98
CA THR B 196 27.84 7.39 32.76
C THR B 196 27.64 8.10 34.09
N ILE B 197 28.44 7.73 35.07
CA ILE B 197 28.39 8.34 36.37
C ILE B 197 28.55 9.84 36.26
N MET B 198 29.48 10.25 35.43
CA MET B 198 29.70 11.65 35.24
C MET B 198 28.47 12.42 34.75
N ASP B 199 27.75 11.89 33.80
CA ASP B 199 26.61 12.62 33.33
C ASP B 199 25.51 12.68 34.35
N VAL B 200 25.25 11.59 35.05
CA VAL B 200 24.26 11.57 36.11
C VAL B 200 24.56 12.68 37.11
N VAL B 201 25.81 12.72 37.61
CA VAL B 201 26.18 13.74 38.59
C VAL B 201 26.05 15.12 37.98
N ARG B 202 26.43 15.29 36.72
CA ARG B 202 26.28 16.61 36.14
C ARG B 202 24.82 17.03 36.01
N VAL B 203 23.94 16.09 35.61
CA VAL B 203 22.53 16.43 35.52
C VAL B 203 21.96 16.75 36.89
N ALA B 204 22.30 15.95 37.89
CA ALA B 204 21.84 16.16 39.25
C ALA B 204 22.21 17.56 39.73
N GLU B 205 23.43 17.96 39.50
CA GLU B 205 23.87 19.24 39.88
C GLU B 205 23.15 20.34 39.14
N LEU B 206 22.85 20.17 37.88
CA LEU B 206 22.16 21.20 37.15
C LEU B 206 20.77 21.35 37.66
N ILE B 207 20.13 20.27 38.01
CA ILE B 207 18.79 20.37 38.57
C ILE B 207 18.83 21.04 39.94
N PHE B 208 19.83 20.68 40.76
CA PHE B 208 19.92 21.24 42.11
C PHE B 208 20.00 22.76 42.08
N HIS B 209 20.64 23.32 41.06
CA HIS B 209 20.87 24.75 40.99
C HIS B 209 19.88 25.45 40.06
N ALA B 210 19.00 24.70 39.39
CA ALA B 210 18.08 25.29 38.42
C ALA B 210 16.94 26.01 39.13
N LYS B 211 16.57 27.16 38.61
CA LYS B 211 15.46 27.91 39.18
C LYS B 211 14.13 27.69 38.45
N ARG B 212 14.15 27.30 37.17
CA ARG B 212 12.94 26.93 36.45
C ARG B 212 13.24 25.80 35.49
N PRO B 213 13.46 24.60 35.99
CA PRO B 213 13.70 23.46 35.13
C PRO B 213 12.41 22.98 34.48
N ALA B 214 12.57 22.23 33.39
CA ALA B 214 11.42 21.65 32.73
C ALA B 214 11.85 20.37 32.04
N ILE B 215 10.91 19.44 31.91
CA ILE B 215 11.10 18.19 31.18
C ILE B 215 10.19 18.21 29.97
N LEU B 216 10.76 17.84 28.81
CA LEU B 216 9.99 17.57 27.60
C LEU B 216 10.16 16.08 27.31
N ALA B 217 9.10 15.31 27.52
CA ALA B 217 9.16 13.86 27.38
C ALA B 217 8.49 13.48 26.07
N GLY B 218 9.17 12.65 25.28
CA GLY B 218 8.67 12.20 24.00
C GLY B 218 8.28 10.72 24.00
N HIS B 219 8.01 10.25 22.79
CA HIS B 219 7.59 8.86 22.56
C HIS B 219 8.63 7.85 23.08
N GLY B 220 9.91 8.25 23.20
CA GLY B 220 10.90 7.34 23.77
C GLY B 220 10.53 6.83 25.15
N ILE B 221 9.78 7.61 25.91
CA ILE B 221 9.31 7.15 27.22
C ILE B 221 8.53 5.86 27.06
N GLU B 222 7.66 5.79 26.04
CA GLU B 222 6.91 4.56 25.82
C GLU B 222 7.84 3.43 25.37
N CYS B 223 8.78 3.74 24.45
CA CYS B 223 9.66 2.68 23.98
C CYS B 223 10.49 2.11 25.12
N ALA B 224 10.85 2.95 26.08
CA ALA B 224 11.64 2.52 27.22
C ALA B 224 10.80 2.01 28.36
N LYS B 225 9.47 2.04 28.23
CA LYS B 225 8.55 1.68 29.30
C LYS B 225 8.94 2.41 30.59
N ALA B 226 9.16 3.72 30.49
CA ALA B 226 9.74 4.48 31.58
C ALA B 226 8.72 5.36 32.29
N TRP B 227 7.43 5.02 32.20
CA TRP B 227 6.38 5.86 32.78
C TRP B 227 6.57 6.03 34.28
N GLU B 228 6.79 4.93 35.01
CA GLU B 228 6.85 5.02 36.47
C GLU B 228 8.11 5.74 36.93
N GLU B 229 9.23 5.55 36.23
CA GLU B 229 10.45 6.26 36.58
C GLU B 229 10.34 7.76 36.29
N LEU B 230 9.72 8.12 35.17
CA LEU B 230 9.52 9.53 34.87
C LEU B 230 8.64 10.18 35.94
N LEU B 231 7.61 9.52 36.37
CA LEU B 231 6.74 10.08 37.39
C LEU B 231 7.47 10.27 38.70
N ASP B 232 8.20 9.23 39.11
CA ASP B 232 8.97 9.29 40.34
C ASP B 232 9.98 10.43 40.26
N PHE B 233 10.68 10.51 39.14
CA PHE B 233 11.64 11.56 38.94
C PHE B 233 11.00 12.93 38.99
N ALA B 234 9.89 13.09 38.31
CA ALA B 234 9.25 14.41 38.33
C ALA B 234 8.80 14.79 39.73
N GLU B 235 8.29 13.83 40.51
CA GLU B 235 7.83 14.13 41.86
C GLU B 235 8.98 14.40 42.83
N LEU B 236 10.07 13.63 42.70
CA LEU B 236 11.23 13.79 43.57
C LEU B 236 11.85 15.18 43.42
N THR B 237 11.84 15.71 42.20
CA THR B 237 12.50 16.98 41.92
C THR B 237 11.56 18.17 41.86
N GLY B 238 10.25 17.94 41.76
CA GLY B 238 9.34 19.05 41.49
C GLY B 238 9.42 19.64 40.10
N ILE B 239 10.01 18.93 39.14
CA ILE B 239 10.17 19.49 37.78
C ILE B 239 8.89 19.26 36.99
N PRO B 240 8.30 20.29 36.40
CA PRO B 240 7.11 20.09 35.56
C PRO B 240 7.44 19.40 34.25
N VAL B 241 6.45 18.70 33.72
CA VAL B 241 6.64 17.77 32.60
C VAL B 241 5.67 18.13 31.49
N ALA B 242 6.21 18.51 30.33
CA ALA B 242 5.45 18.55 29.08
C ALA B 242 5.76 17.30 28.28
N THR B 243 4.83 16.91 27.41
CA THR B 243 5.11 15.88 26.43
C THR B 243 5.02 16.47 25.03
N THR B 244 5.66 15.76 24.10
CA THR B 244 5.44 16.00 22.69
C THR B 244 4.04 15.50 22.33
N PRO B 245 3.52 15.88 21.17
CA PRO B 245 2.23 15.35 20.75
C PRO B 245 2.19 13.82 20.74
N LYS B 246 3.16 13.17 20.10
CA LYS B 246 3.15 11.71 20.07
C LYS B 246 3.43 11.12 21.44
N GLY B 247 4.19 11.84 22.27
CA GLY B 247 4.47 11.39 23.61
C GLY B 247 3.33 11.58 24.59
N LYS B 248 2.19 12.07 24.15
CA LYS B 248 1.02 12.22 25.00
C LYS B 248 0.68 10.84 25.61
N SER B 249 0.47 10.91 26.92
CA SER B 249 0.22 9.86 27.92
C SER B 249 1.49 9.33 28.56
N SER B 250 2.61 9.95 28.31
CA SER B 250 3.84 9.54 28.94
C SER B 250 3.84 10.01 30.38
N PHE B 251 3.01 10.99 30.69
CA PHE B 251 2.90 11.57 32.02
C PHE B 251 1.43 11.89 32.28
N PRO B 252 0.92 11.63 33.49
CA PRO B 252 -0.52 11.83 33.73
C PRO B 252 -0.88 13.30 33.60
N GLU B 253 -1.83 13.59 32.70
CA GLU B 253 -2.13 14.99 32.40
C GLU B 253 -2.98 15.65 33.48
N ASN B 254 -3.50 14.89 34.44
CA ASN B 254 -4.17 15.43 35.61
C ASN B 254 -3.22 15.69 36.76
N HIS B 255 -1.93 15.37 36.61
CA HIS B 255 -0.99 15.56 37.69
C HIS B 255 -0.65 17.03 37.85
N ALA B 256 -0.36 17.44 39.09
CA ALA B 256 -0.07 18.84 39.34
C ALA B 256 1.17 19.32 38.59
N LEU B 257 2.08 18.43 38.24
CA LEU B 257 3.31 18.81 37.54
C LEU B 257 3.18 18.73 36.03
N SER B 258 2.00 18.43 35.51
CA SER B 258 1.84 18.25 34.07
C SER B 258 1.61 19.59 33.41
N LEU B 259 2.41 19.89 32.38
CA LEU B 259 2.24 21.06 31.53
C LEU B 259 1.35 20.77 30.34
N GLY B 260 0.95 19.52 30.15
CA GLY B 260 0.24 19.17 28.96
C GLY B 260 1.21 18.95 27.81
N VAL B 261 0.70 19.13 26.60
CA VAL B 261 1.45 18.84 25.38
C VAL B 261 2.07 20.13 24.90
N PHE B 262 3.36 20.08 24.59
CA PHE B 262 4.05 21.15 23.88
C PHE B 262 4.13 20.83 22.39
N GLY B 263 3.79 21.81 21.55
CA GLY B 263 3.91 21.64 20.11
C GLY B 263 2.57 21.60 19.41
N PHE B 264 2.49 20.86 18.30
CA PHE B 264 1.30 20.92 17.48
C PHE B 264 0.06 20.54 18.27
N ALA B 265 -0.97 21.37 18.19
CA ALA B 265 -2.23 21.18 18.91
C ALA B 265 -2.07 21.18 20.43
N GLY B 266 -0.97 21.73 20.91
CA GLY B 266 -0.63 21.67 22.31
C GLY B 266 -1.37 22.69 23.15
N HIS B 267 -0.92 22.80 24.39
CA HIS B 267 -1.60 23.60 25.40
C HIS B 267 -0.82 24.86 25.70
N GLN B 268 -1.57 25.95 25.90
CA GLN B 268 -0.96 27.24 26.22
C GLN B 268 -0.08 27.11 27.47
N LYS B 269 -0.52 26.29 28.43
CA LYS B 269 0.28 26.05 29.63
C LYS B 269 1.69 25.60 29.28
N ALA B 270 1.83 24.65 28.34
CA ALA B 270 3.17 24.22 27.96
C ALA B 270 3.89 25.28 27.13
N THR B 271 3.17 25.92 26.21
CA THR B 271 3.81 26.94 25.37
C THR B 271 4.38 28.06 26.24
N ASP B 272 3.58 28.57 27.19
CA ASP B 272 4.06 29.64 28.06
C ASP B 272 5.26 29.21 28.88
N TYR B 273 5.24 27.99 29.42
CA TYR B 273 6.34 27.58 30.29
C TYR B 273 7.64 27.45 29.50
N LEU B 274 7.58 26.83 28.31
CA LEU B 274 8.79 26.42 27.62
C LEU B 274 9.36 27.48 26.69
N LEU B 275 8.56 28.41 26.19
CA LEU B 275 9.03 29.42 25.26
C LEU B 275 9.11 30.82 25.87
N SER B 276 8.80 30.95 27.17
CA SER B 276 8.80 32.24 27.84
C SER B 276 10.19 32.83 27.98
N GLY B 277 11.24 32.04 27.79
CA GLY B 277 12.59 32.49 28.05
C GLY B 277 13.07 32.27 29.46
N ASP B 278 12.23 31.73 30.34
CA ASP B 278 12.63 31.58 31.73
C ASP B 278 13.19 30.21 32.07
N VAL B 279 12.97 29.19 31.23
CA VAL B 279 13.50 27.87 31.56
C VAL B 279 15.01 27.91 31.46
N ASP B 280 15.68 27.60 32.56
CA ASP B 280 17.14 27.60 32.52
C ASP B 280 17.69 26.21 32.19
N VAL B 281 17.06 25.15 32.70
CA VAL B 281 17.50 23.79 32.43
C VAL B 281 16.33 23.02 31.83
N LEU B 282 16.50 22.59 30.57
CA LEU B 282 15.48 21.81 29.89
C LEU B 282 16.01 20.41 29.68
N ILE B 283 15.24 19.41 30.09
CA ILE B 283 15.62 18.01 29.93
C ILE B 283 14.71 17.38 28.88
N VAL B 284 15.27 17.02 27.74
CA VAL B 284 14.54 16.34 26.68
C VAL B 284 14.80 14.85 26.82
N ILE B 285 13.74 14.06 27.00
CA ILE B 285 13.86 12.63 27.18
C ILE B 285 13.08 11.94 26.06
N GLY B 286 13.80 11.24 25.19
CA GLY B 286 13.14 10.40 24.20
C GLY B 286 12.28 11.16 23.20
N SER B 287 12.75 12.31 22.71
CA SER B 287 12.11 12.97 21.59
C SER B 287 13.13 13.22 20.49
N SER B 288 12.73 13.01 19.23
CA SER B 288 13.59 13.38 18.10
C SER B 288 13.58 14.87 17.82
N LEU B 289 12.73 15.65 18.50
CA LEU B 289 12.68 17.11 18.33
C LEU B 289 12.49 17.49 16.86
N GLY B 290 11.54 16.82 16.21
CA GLY B 290 11.12 17.19 14.88
C GLY B 290 10.18 18.40 14.88
N ASP B 291 9.55 18.60 13.72
CA ASP B 291 8.79 19.82 13.46
C ASP B 291 7.67 20.01 14.47
N TRP B 292 6.78 19.03 14.57
CA TRP B 292 5.64 19.18 15.45
C TRP B 292 6.04 19.22 16.92
N GLN B 293 7.15 18.58 17.28
CA GLN B 293 7.63 18.57 18.66
C GLN B 293 8.24 19.90 19.10
N THR B 294 8.52 20.81 18.17
CA THR B 294 9.29 22.00 18.50
C THR B 294 8.68 23.28 17.95
N ASN B 295 7.45 23.25 17.49
CA ASN B 295 6.86 24.40 16.79
C ASN B 295 7.77 24.90 15.67
N SER B 296 8.04 24.00 14.73
CA SER B 296 8.99 24.23 13.63
C SER B 296 10.32 24.78 14.14
N TRP B 297 10.93 24.04 15.07
CA TRP B 297 12.26 24.35 15.54
C TRP B 297 12.34 25.80 16.03
N ASP B 298 11.33 26.17 16.83
CA ASP B 298 11.30 27.47 17.46
C ASP B 298 12.55 27.69 18.29
N PRO B 299 13.34 28.73 18.03
CA PRO B 299 14.55 28.97 18.85
C PRO B 299 14.26 29.31 20.29
N ARG B 300 13.06 29.80 20.61
CA ARG B 300 12.74 30.11 21.99
C ARG B 300 12.72 28.88 22.87
N LEU B 301 12.69 27.69 22.27
CA LEU B 301 12.78 26.47 23.08
C LEU B 301 14.11 26.36 23.82
N THR B 302 15.16 27.00 23.30
CA THR B 302 16.50 26.91 23.88
C THR B 302 16.52 27.33 25.34
N PRO B 303 17.00 26.47 26.24
CA PRO B 303 17.08 26.87 27.65
C PRO B 303 18.26 27.79 27.86
N SER B 304 18.20 28.51 28.99
CA SER B 304 19.18 29.56 29.25
C SER B 304 20.47 29.05 29.87
N VAL B 305 20.49 27.86 30.44
CA VAL B 305 21.70 27.38 31.11
C VAL B 305 22.19 26.10 30.45
N ALA B 306 21.32 25.09 30.40
CA ALA B 306 21.73 23.80 29.88
C ALA B 306 20.54 23.12 29.21
N LEU B 307 20.77 22.61 28.02
CA LEU B 307 19.86 21.68 27.40
C LEU B 307 20.45 20.29 27.60
N ILE B 308 19.68 19.41 28.24
CA ILE B 308 20.07 18.03 28.45
C ILE B 308 19.20 17.19 27.54
N GLN B 309 19.80 16.32 26.75
CA GLN B 309 19.01 15.45 25.88
C GLN B 309 19.42 14.02 26.12
N ILE B 310 18.44 13.18 26.44
CA ILE B 310 18.63 11.76 26.71
C ILE B 310 17.98 11.00 25.57
N ASP B 311 18.77 10.19 24.88
CA ASP B 311 18.25 9.44 23.75
C ASP B 311 19.05 8.16 23.53
N ILE B 312 18.34 7.06 23.23
CA ILE B 312 19.05 5.81 22.96
C ILE B 312 19.73 5.85 21.59
N ASP B 313 19.35 6.77 20.71
CA ASP B 313 19.92 6.85 19.38
C ASP B 313 20.95 7.99 19.38
N PRO B 314 22.25 7.70 19.28
CA PRO B 314 23.24 8.80 19.38
C PRO B 314 23.13 9.79 18.26
N MET B 315 22.55 9.38 17.11
CA MET B 315 22.42 10.28 15.96
C MET B 315 21.36 11.34 16.17
N GLU B 316 20.47 11.20 17.16
CA GLU B 316 19.47 12.23 17.44
C GLU B 316 19.99 13.33 18.35
N ILE B 317 21.09 13.09 19.05
CA ILE B 317 21.53 14.00 20.11
C ILE B 317 22.16 15.24 19.49
N GLY B 318 21.59 16.40 19.79
CA GLY B 318 22.11 17.64 19.24
C GLY B 318 21.78 17.86 17.78
N LYS B 319 20.81 17.15 17.23
CA LYS B 319 20.51 17.26 15.80
C LYS B 319 20.04 18.67 15.45
N ASN B 320 19.03 19.17 16.17
CA ASN B 320 18.42 20.46 15.86
C ASN B 320 18.70 21.56 16.90
N TYR B 321 19.08 21.19 18.12
CA TYR B 321 19.40 22.13 19.17
C TYR B 321 20.74 21.73 19.79
N PRO B 322 21.67 22.67 20.02
CA PRO B 322 22.93 22.31 20.66
C PRO B 322 22.69 21.85 22.09
N VAL B 323 23.34 20.76 22.48
CA VAL B 323 23.15 20.20 23.81
C VAL B 323 24.37 20.52 24.66
N ASP B 324 24.12 20.60 25.97
CA ASP B 324 25.17 20.75 26.96
C ASP B 324 25.50 19.44 27.66
N VAL B 325 24.50 18.59 27.85
CA VAL B 325 24.72 17.24 28.33
C VAL B 325 23.98 16.32 27.37
N GLY B 326 24.73 15.58 26.57
CA GLY B 326 24.14 14.67 25.61
C GLY B 326 24.32 13.23 26.06
N ILE B 327 23.23 12.61 26.51
CA ILE B 327 23.28 11.31 27.16
C ILE B 327 22.76 10.27 26.19
N ASN B 328 23.65 9.36 25.79
CA ASN B 328 23.25 8.26 24.92
C ASN B 328 22.93 7.06 25.81
N ALA B 329 21.66 6.87 26.11
CA ALA B 329 21.27 5.81 27.04
C ALA B 329 19.76 5.60 26.94
N ASP B 330 19.33 4.46 27.44
CA ASP B 330 17.91 4.17 27.58
C ASP B 330 17.27 5.12 28.59
N ALA B 331 16.04 5.56 28.30
CA ALA B 331 15.37 6.56 29.15
C ALA B 331 15.09 6.01 30.55
N SER B 332 14.72 4.73 30.64
CA SER B 332 14.40 4.16 31.94
C SER B 332 15.66 4.00 32.79
N GLU B 333 16.75 3.55 32.18
CA GLU B 333 18.00 3.40 32.92
C GLU B 333 18.50 4.75 33.40
N THR B 334 18.39 5.78 32.55
CA THR B 334 18.82 7.12 32.94
C THR B 334 18.00 7.65 34.10
N LEU B 335 16.68 7.54 34.01
CA LEU B 335 15.83 8.08 35.08
C LEU B 335 16.09 7.34 36.39
N LYS B 336 16.26 6.02 36.34
CA LYS B 336 16.57 5.27 37.56
C LYS B 336 17.88 5.76 38.18
N ALA B 337 18.91 5.96 37.35
CA ALA B 337 20.18 6.45 37.87
C ALA B 337 20.01 7.82 38.48
N LEU B 338 19.29 8.70 37.80
CA LEU B 338 19.05 10.04 38.32
C LEU B 338 18.27 9.97 39.63
N ILE B 339 17.28 9.08 39.71
CA ILE B 339 16.55 8.92 40.96
C ILE B 339 17.48 8.39 42.05
N LEU B 340 18.35 7.44 41.70
CA LEU B 340 19.33 6.95 42.68
C LEU B 340 20.25 8.05 43.16
N CYS B 341 20.70 8.89 42.25
CA CYS B 341 21.67 9.90 42.64
C CYS B 341 21.02 10.94 43.53
N ILE B 342 19.87 11.45 43.12
CA ILE B 342 19.23 12.55 43.84
C ILE B 342 18.75 12.10 45.21
N ARG B 343 18.15 10.91 45.31
CA ARG B 343 17.64 10.45 46.60
C ARG B 343 18.77 10.25 47.61
N SER B 344 19.73 9.39 47.25
CA SER B 344 20.89 9.13 48.11
C SER B 344 21.55 10.42 48.59
N SER B 345 21.62 11.47 47.75
CA SER B 345 22.12 12.77 48.17
C SER B 345 21.40 13.31 49.39
N GLY B 346 20.08 13.17 49.43
CA GLY B 346 19.26 13.77 50.47
C GLY B 346 18.90 15.23 50.27
N LYS B 347 19.24 15.82 49.12
CA LYS B 347 18.97 17.23 48.87
C LYS B 347 17.56 17.47 48.34
N GLY B 375 -23.91 19.92 12.73
CA GLY B 375 -23.42 18.72 13.38
C GLY B 375 -22.99 18.94 14.83
N ILE B 376 -22.28 17.97 15.40
CA ILE B 376 -21.76 18.10 16.76
C ILE B 376 -20.40 18.76 16.71
N HIS B 377 -20.17 19.71 17.60
CA HIS B 377 -18.87 20.33 17.66
C HIS B 377 -17.85 19.30 18.15
N PRO B 378 -16.74 19.13 17.45
CA PRO B 378 -15.82 18.05 17.82
C PRO B 378 -15.35 18.12 19.25
N ALA B 379 -15.30 19.31 19.82
CA ALA B 379 -14.92 19.43 21.20
C ALA B 379 -15.92 18.79 22.14
N MET B 380 -17.19 18.84 21.76
CA MET B 380 -18.25 18.23 22.55
C MET B 380 -18.09 16.72 22.51
N VAL B 381 -17.73 16.22 21.33
CA VAL B 381 -17.51 14.81 21.15
C VAL B 381 -16.43 14.32 22.09
N VAL B 382 -15.31 15.01 22.10
CA VAL B 382 -14.19 14.64 22.97
C VAL B 382 -14.62 14.76 24.43
N GLU B 383 -15.35 15.82 24.77
CA GLU B 383 -15.82 15.95 26.15
C GLU B 383 -16.71 14.77 26.52
N ALA B 384 -17.63 14.41 25.63
CA ALA B 384 -18.51 13.27 25.90
C ALA B 384 -17.72 11.97 26.04
N MET B 385 -16.72 11.78 25.19
CA MET B 385 -15.82 10.64 25.34
C MET B 385 -15.15 10.65 26.71
N GLN B 386 -14.66 11.81 27.12
CA GLN B 386 -14.01 11.93 28.42
C GLN B 386 -14.94 11.52 29.56
N ASN B 387 -16.23 11.83 29.43
CA ASN B 387 -17.15 11.55 30.51
C ASN B 387 -17.55 10.08 30.54
N ARG B 388 -17.33 9.33 29.48
CA ARG B 388 -17.82 7.97 29.41
C ARG B 388 -16.74 6.91 29.32
N LEU B 389 -15.57 7.25 28.80
CA LEU B 389 -14.54 6.24 28.64
C LEU B 389 -13.96 5.88 30.01
N PRO B 390 -13.86 4.59 30.35
CA PRO B 390 -13.20 4.23 31.61
C PRO B 390 -11.76 4.72 31.61
N ALA B 391 -11.20 4.84 32.81
CA ALA B 391 -9.88 5.45 32.95
C ALA B 391 -8.79 4.63 32.26
N ASP B 392 -8.93 3.31 32.22
CA ASP B 392 -7.94 2.45 31.60
C ASP B 392 -8.12 2.31 30.06
N THR B 393 -8.92 3.18 29.43
CA THR B 393 -9.16 3.08 27.99
C THR B 393 -7.89 3.38 27.21
N ILE B 394 -7.60 2.56 26.21
CA ILE B 394 -6.55 2.87 25.24
C ILE B 394 -7.19 3.55 24.04
N LEU B 395 -6.81 4.80 23.81
CA LEU B 395 -7.39 5.64 22.78
C LEU B 395 -6.42 5.73 21.60
N PHE B 396 -6.83 5.18 20.47
CA PHE B 396 -6.13 5.32 19.21
C PHE B 396 -6.71 6.51 18.46
N VAL B 397 -5.84 7.35 17.92
CA VAL B 397 -6.26 8.55 17.21
C VAL B 397 -5.65 8.51 15.83
N ASP B 398 -6.47 8.76 14.82
CA ASP B 398 -5.95 8.69 13.46
C ASP B 398 -5.29 10.01 13.10
N ASN B 399 -5.05 10.20 11.82
CA ASN B 399 -4.41 11.38 11.29
C ASN B 399 -5.43 12.09 10.41
N GLY B 400 -5.51 13.37 10.54
CA GLY B 400 -6.65 14.16 10.13
C GLY B 400 -6.90 15.15 11.24
N SER B 401 -8.04 15.82 11.19
CA SER B 401 -8.31 16.75 12.26
C SER B 401 -8.47 16.05 13.62
N CYS B 402 -8.76 14.75 13.63
CA CYS B 402 -8.74 14.01 14.89
C CYS B 402 -7.45 14.27 15.69
N ILE B 403 -6.30 14.44 15.00
CA ILE B 403 -5.06 14.73 15.74
C ILE B 403 -5.26 15.93 16.65
N ASN B 404 -5.70 17.06 16.07
CA ASN B 404 -5.84 18.28 16.86
C ASN B 404 -6.83 18.08 17.99
N TRP B 405 -8.00 17.52 17.68
CA TRP B 405 -9.01 17.36 18.72
C TRP B 405 -8.53 16.40 19.80
N GLY B 406 -7.91 15.29 19.41
CA GLY B 406 -7.46 14.32 20.39
C GLY B 406 -6.30 14.82 21.22
N VAL B 407 -5.26 15.34 20.56
CA VAL B 407 -4.10 15.85 21.29
C VAL B 407 -4.49 17.00 22.21
N HIS B 408 -5.37 17.90 21.73
CA HIS B 408 -5.63 19.12 22.50
C HIS B 408 -6.67 18.90 23.59
N CYS B 409 -7.78 18.23 23.26
CA CYS B 409 -8.95 18.20 24.13
C CYS B 409 -9.05 16.98 25.02
N TYR B 410 -8.37 15.90 24.69
CA TYR B 410 -8.50 14.69 25.47
C TYR B 410 -7.47 14.69 26.59
N LEU B 411 -7.92 14.43 27.81
CA LEU B 411 -7.01 14.38 28.94
C LEU B 411 -6.59 12.94 29.17
N ALA B 412 -5.30 12.67 28.98
CA ALA B 412 -4.75 11.33 29.10
C ALA B 412 -4.16 11.18 30.50
N GLN B 413 -4.70 10.24 31.28
CA GLN B 413 -4.24 10.03 32.63
C GLN B 413 -3.48 8.73 32.80
N THR B 414 -3.65 7.80 31.88
CA THR B 414 -3.07 6.49 32.12
C THR B 414 -1.84 6.32 31.27
N PRO B 415 -0.79 5.71 31.82
CA PRO B 415 0.48 5.57 31.09
C PRO B 415 0.29 4.85 29.77
N GLY B 416 0.74 5.50 28.70
CA GLY B 416 0.72 4.83 27.41
C GLY B 416 -0.65 4.61 26.79
N ALA B 417 -1.70 5.18 27.36
CA ALA B 417 -3.06 4.93 26.87
C ALA B 417 -3.48 5.83 25.73
N PHE B 418 -2.60 6.69 25.21
CA PHE B 418 -2.89 7.53 24.06
C PHE B 418 -1.98 7.10 22.91
N GLN B 419 -2.59 6.54 21.85
CA GLN B 419 -1.85 5.88 20.77
C GLN B 419 -2.07 6.63 19.45
N ILE B 420 -1.08 7.39 19.07
CA ILE B 420 -1.10 8.17 17.84
C ILE B 420 0.20 7.98 17.08
N GLY B 421 0.11 7.74 15.79
CA GLY B 421 1.25 7.48 14.93
C GLY B 421 1.67 8.69 14.12
N LEU B 422 2.28 9.63 14.80
CA LEU B 422 2.66 10.86 14.19
C LEU B 422 3.98 10.84 13.47
N GLY B 423 4.81 9.81 13.67
CA GLY B 423 6.06 9.76 12.93
C GLY B 423 5.81 9.90 11.44
N LEU B 424 4.93 9.07 10.90
CA LEU B 424 4.55 9.19 9.50
C LEU B 424 3.15 9.76 9.29
N ALA B 425 2.30 9.74 10.32
CA ALA B 425 0.97 10.35 10.26
C ALA B 425 0.20 9.83 9.04
N ALA B 426 0.13 8.51 8.93
CA ALA B 426 -0.56 7.88 7.81
C ALA B 426 -2.06 7.80 8.10
N MET B 427 -2.89 8.34 7.20
CA MET B 427 -4.33 8.14 7.36
C MET B 427 -4.65 6.66 7.36
N GLY B 428 -5.55 6.26 8.27
CA GLY B 428 -5.96 4.88 8.40
C GLY B 428 -5.16 4.06 9.37
N HIS B 429 -4.00 4.56 9.81
CA HIS B 429 -3.16 3.84 10.77
C HIS B 429 -3.96 3.42 11.99
N ALA B 430 -4.62 4.38 12.64
CA ALA B 430 -5.36 4.05 13.87
C ALA B 430 -6.54 3.13 13.58
N VAL B 431 -7.18 3.30 12.41
CA VAL B 431 -8.34 2.47 12.06
C VAL B 431 -7.99 1.00 12.25
N ALA B 432 -6.84 0.56 11.75
CA ALA B 432 -6.45 -0.84 11.88
C ALA B 432 -5.64 -1.11 13.15
N ALA B 433 -4.74 -0.19 13.53
CA ALA B 433 -3.88 -0.46 14.68
C ALA B 433 -4.69 -0.77 15.94
N ALA B 434 -5.88 -0.18 16.09
CA ALA B 434 -6.66 -0.39 17.29
C ALA B 434 -7.01 -1.87 17.51
N ILE B 435 -7.15 -2.62 16.42
CA ILE B 435 -7.46 -4.04 16.55
C ILE B 435 -6.27 -4.79 17.15
N GLY B 436 -5.06 -4.48 16.69
CA GLY B 436 -3.88 -5.09 17.29
C GLY B 436 -3.72 -4.68 18.74
N GLY B 437 -4.03 -3.42 19.04
CA GLY B 437 -3.96 -2.97 20.41
C GLY B 437 -4.89 -3.75 21.33
N LYS B 438 -6.14 -3.99 20.86
CA LYS B 438 -7.08 -4.71 21.70
C LYS B 438 -6.61 -6.14 21.93
N LEU B 439 -5.99 -6.77 20.91
CA LEU B 439 -5.44 -8.10 21.10
C LEU B 439 -4.29 -8.09 22.09
N ALA B 440 -3.57 -6.97 22.19
CA ALA B 440 -2.47 -6.89 23.14
C ALA B 440 -2.98 -6.64 24.56
N ALA B 441 -4.12 -5.97 24.69
CA ALA B 441 -4.68 -5.60 25.99
C ALA B 441 -6.16 -5.96 26.02
N PRO B 442 -6.47 -7.26 26.01
CA PRO B 442 -7.88 -7.66 25.83
C PRO B 442 -8.77 -7.27 26.99
N ASP B 443 -8.19 -7.03 28.15
CA ASP B 443 -8.90 -6.64 29.35
C ASP B 443 -9.24 -5.15 29.39
N ARG B 444 -8.76 -4.36 28.45
CA ARG B 444 -8.95 -2.93 28.52
C ARG B 444 -9.83 -2.42 27.38
N PRO B 445 -10.61 -1.36 27.59
CA PRO B 445 -11.41 -0.81 26.50
C PRO B 445 -10.50 -0.15 25.47
N VAL B 446 -10.81 -0.37 24.21
CA VAL B 446 -10.01 0.21 23.12
C VAL B 446 -10.94 0.98 22.21
N VAL B 447 -10.62 2.26 22.00
CA VAL B 447 -11.44 3.15 21.20
C VAL B 447 -10.53 3.84 20.20
N ALA B 448 -11.03 4.01 18.98
CA ALA B 448 -10.30 4.68 17.93
C ALA B 448 -11.10 5.89 17.48
N LEU B 449 -10.46 7.04 17.45
CA LEU B 449 -11.10 8.26 16.99
C LEU B 449 -10.48 8.57 15.63
N VAL B 450 -11.30 8.53 14.57
CA VAL B 450 -10.79 8.56 13.20
C VAL B 450 -11.72 9.38 12.32
N GLY B 451 -11.15 9.93 11.25
CA GLY B 451 -11.94 10.65 10.25
C GLY B 451 -12.56 9.72 9.20
N ASP B 452 -13.51 10.29 8.44
CA ASP B 452 -14.24 9.49 7.45
C ASP B 452 -13.36 9.16 6.25
N ALA B 453 -12.53 10.10 5.78
CA ALA B 453 -11.64 9.75 4.68
C ALA B 453 -10.65 8.68 5.10
N ALA B 454 -10.12 8.78 6.33
CA ALA B 454 -9.22 7.73 6.81
C ALA B 454 -9.95 6.41 6.95
N PHE B 455 -11.21 6.45 7.35
CA PHE B 455 -11.96 5.20 7.44
C PHE B 455 -12.23 4.60 6.07
N ALA B 456 -12.41 5.41 5.03
CA ALA B 456 -12.52 4.87 3.69
C ALA B 456 -11.21 4.21 3.24
N MET B 457 -10.09 4.58 3.83
CA MET B 457 -8.84 3.99 3.38
C MET B 457 -8.65 2.58 3.96
N ASN B 458 -8.98 2.37 5.24
CA ASN B 458 -8.68 1.10 5.90
C ASN B 458 -9.84 0.57 6.73
N GLY B 459 -11.02 1.15 6.64
CA GLY B 459 -12.14 0.76 7.48
C GLY B 459 -12.66 -0.64 7.20
N MET B 460 -12.31 -1.22 6.05
CA MET B 460 -12.74 -2.60 5.80
C MET B 460 -12.25 -3.53 6.89
N GLU B 461 -11.20 -3.14 7.63
CA GLU B 461 -10.66 -4.02 8.66
C GLU B 461 -11.61 -4.25 9.82
N ILE B 462 -12.67 -3.46 9.96
CA ILE B 462 -13.63 -3.80 11.01
C ILE B 462 -14.24 -5.16 10.73
N HIS B 463 -14.20 -5.61 9.47
CA HIS B 463 -14.64 -6.98 9.21
C HIS B 463 -13.73 -7.99 9.91
N THR B 464 -12.43 -7.69 9.95
CA THR B 464 -11.50 -8.52 10.70
C THR B 464 -11.86 -8.54 12.17
N ALA B 465 -12.18 -7.38 12.74
CA ALA B 465 -12.62 -7.35 14.13
C ALA B 465 -13.88 -8.17 14.33
N ALA B 466 -14.82 -8.09 13.38
CA ALA B 466 -16.04 -8.89 13.48
C ALA B 466 -15.73 -10.38 13.40
N GLU B 467 -14.87 -10.76 12.45
CA GLU B 467 -14.55 -12.17 12.26
C GLU B 467 -14.00 -12.79 13.54
N TYR B 468 -13.10 -12.08 14.23
CA TYR B 468 -12.46 -12.64 15.41
C TYR B 468 -13.10 -12.16 16.72
N LYS B 469 -14.21 -11.43 16.66
CA LYS B 469 -14.90 -10.97 17.88
C LYS B 469 -13.96 -10.11 18.75
N ILE B 470 -13.32 -9.13 18.13
CA ILE B 470 -12.37 -8.25 18.82
C ILE B 470 -13.12 -6.96 19.16
N PRO B 471 -13.44 -6.70 20.43
CA PRO B 471 -14.28 -5.53 20.75
C PRO B 471 -13.53 -4.22 20.75
N VAL B 472 -13.62 -3.50 19.63
CA VAL B 472 -13.07 -2.16 19.49
C VAL B 472 -14.21 -1.24 19.12
N THR B 473 -14.14 0.01 19.56
CA THR B 473 -15.12 1.00 19.18
C THR B 473 -14.44 2.08 18.33
N TRP B 474 -14.90 2.21 17.07
CA TRP B 474 -14.48 3.29 16.19
C TRP B 474 -15.48 4.43 16.28
N ILE B 475 -14.98 5.64 16.50
CA ILE B 475 -15.75 6.87 16.45
C ILE B 475 -15.30 7.62 15.20
N VAL B 476 -16.17 7.68 14.19
CA VAL B 476 -15.85 8.31 12.92
C VAL B 476 -16.37 9.74 12.91
N LEU B 477 -15.45 10.70 12.82
CA LEU B 477 -15.83 12.10 12.64
C LEU B 477 -16.22 12.26 11.19
N ASN B 478 -17.51 12.13 10.92
CA ASN B 478 -17.98 12.12 9.54
C ASN B 478 -18.33 13.55 9.13
N ASN B 479 -17.34 14.26 8.57
CA ASN B 479 -17.54 15.59 8.05
C ASN B 479 -17.63 15.61 6.52
N GLY B 480 -17.89 14.47 5.90
CA GLY B 480 -18.08 14.40 4.45
C GLY B 480 -16.89 14.80 3.62
N GLY B 481 -15.68 14.42 4.02
CA GLY B 481 -14.53 14.67 3.17
C GLY B 481 -13.29 14.97 4.00
N HIS B 482 -12.34 15.66 3.36
CA HIS B 482 -11.00 15.87 3.91
C HIS B 482 -10.96 17.23 4.61
N GLY B 483 -11.33 17.23 5.89
CA GLY B 483 -11.42 18.45 6.66
C GLY B 483 -10.16 19.30 6.67
N LEU B 484 -9.02 18.71 7.04
CA LEU B 484 -7.79 19.48 7.09
C LEU B 484 -7.45 20.07 5.73
N VAL B 485 -7.71 19.32 4.65
CA VAL B 485 -7.42 19.87 3.33
C VAL B 485 -8.42 20.97 3.00
N HIS B 486 -9.69 20.76 3.34
CA HIS B 486 -10.71 21.80 3.13
C HIS B 486 -10.31 23.10 3.80
N LEU B 487 -9.83 23.03 5.04
CA LEU B 487 -9.43 24.25 5.72
C LEU B 487 -8.21 24.88 5.07
N GLY B 488 -7.28 24.05 4.57
CA GLY B 488 -6.15 24.59 3.84
C GLY B 488 -6.56 25.35 2.58
N GLU B 489 -7.55 24.83 1.85
CA GLU B 489 -8.05 25.54 0.66
C GLU B 489 -8.58 26.91 1.02
N GLN B 490 -9.30 27.01 2.15
CA GLN B 490 -9.88 28.29 2.58
C GLN B 490 -8.80 29.25 3.10
N HIS B 491 -7.93 28.75 3.93
CA HIS B 491 -6.96 29.56 4.57
C HIS B 491 -5.68 29.81 3.85
N GLN B 492 -5.40 29.02 2.83
CA GLN B 492 -4.17 29.25 2.13
C GLN B 492 -4.37 29.48 0.68
N PHE B 493 -5.46 29.03 0.14
CA PHE B 493 -5.69 29.21 -1.27
C PHE B 493 -6.97 29.98 -1.57
N ASP B 494 -7.45 30.75 -0.61
CA ASP B 494 -8.62 31.61 -0.77
C ASP B 494 -9.87 30.97 -1.37
N SER B 495 -10.14 29.72 -1.02
CA SER B 495 -11.27 28.96 -1.55
C SER B 495 -11.37 28.86 -3.07
N LYS B 496 -10.25 28.88 -3.77
CA LYS B 496 -10.22 28.85 -5.19
C LYS B 496 -10.60 27.54 -5.81
N PHE B 497 -10.50 26.46 -5.07
CA PHE B 497 -10.86 25.14 -5.57
C PHE B 497 -11.18 24.24 -4.42
N ASP B 498 -11.91 23.19 -4.71
CA ASP B 498 -12.28 22.23 -3.72
C ASP B 498 -11.98 20.85 -4.23
N ILE B 499 -11.05 20.19 -3.58
CA ILE B 499 -10.74 18.82 -3.90
C ILE B 499 -10.78 18.06 -2.60
N SER B 500 -11.65 18.45 -1.71
CA SER B 500 -11.75 17.87 -0.40
C SER B 500 -13.09 17.43 0.06
N SER B 501 -14.15 18.00 -0.45
CA SER B 501 -15.46 17.63 -0.03
C SER B 501 -16.12 16.60 -0.89
N PHE B 502 -16.70 15.60 -0.29
CA PHE B 502 -17.42 14.62 -1.05
C PHE B 502 -18.74 15.24 -1.49
N ARG B 503 -19.25 14.82 -2.61
CA ARG B 503 -20.52 15.23 -3.09
C ARG B 503 -21.57 14.48 -2.29
N LYS B 504 -21.27 13.27 -1.89
CA LYS B 504 -22.16 12.54 -1.05
C LYS B 504 -21.39 11.84 0.04
N SER B 505 -21.69 12.15 1.28
CA SER B 505 -21.10 11.54 2.44
C SER B 505 -21.29 10.06 2.50
N ILE B 506 -20.36 9.37 3.08
CA ILE B 506 -20.48 7.95 3.22
C ILE B 506 -21.32 7.62 4.46
N ASP B 507 -22.20 6.66 4.33
CA ASP B 507 -23.01 6.17 5.41
C ASP B 507 -22.31 5.04 6.09
N PHE B 508 -21.61 5.35 7.15
CA PHE B 508 -20.85 4.36 7.85
C PHE B 508 -21.67 3.33 8.59
N CYS B 509 -22.88 3.69 8.99
CA CYS B 509 -23.72 2.74 9.63
C CYS B 509 -24.03 1.59 8.72
N LYS B 510 -24.42 1.90 7.51
CA LYS B 510 -24.68 0.86 6.56
C LYS B 510 -23.42 0.08 6.22
N MET B 511 -22.30 0.75 6.11
CA MET B 511 -21.03 0.11 5.84
C MET B 511 -20.71 -0.84 6.97
N ALA B 512 -20.91 -0.44 8.20
CA ALA B 512 -20.67 -1.33 9.31
C ALA B 512 -21.57 -2.54 9.24
N GLU B 513 -22.83 -2.31 8.93
CA GLU B 513 -23.82 -3.36 8.81
C GLU B 513 -23.42 -4.38 7.77
N SER B 514 -22.92 -3.92 6.64
CA SER B 514 -22.45 -4.78 5.60
C SER B 514 -21.27 -5.66 6.01
N LEU B 515 -20.45 -5.21 6.93
CA LEU B 515 -19.31 -5.93 7.44
C LEU B 515 -19.61 -6.69 8.73
N GLY B 516 -20.86 -6.71 9.15
CA GLY B 516 -21.27 -7.41 10.34
C GLY B 516 -20.89 -6.78 11.65
N VAL B 517 -20.92 -5.47 11.73
CA VAL B 517 -20.54 -4.76 12.89
C VAL B 517 -21.65 -3.81 13.27
N LYS B 518 -22.08 -3.86 14.52
CA LYS B 518 -23.12 -3.00 15.02
C LYS B 518 -22.72 -1.54 14.97
N SER B 519 -23.65 -0.68 14.63
CA SER B 519 -23.39 0.73 14.54
C SER B 519 -24.48 1.67 15.05
N TYR B 520 -24.09 2.90 15.28
CA TYR B 520 -24.96 3.96 15.72
C TYR B 520 -24.66 5.23 14.96
N ARG B 521 -25.65 6.02 14.68
CA ARG B 521 -25.41 7.26 14.04
C ARG B 521 -25.71 8.33 15.05
N ALA B 522 -24.85 9.31 15.14
CA ALA B 522 -25.01 10.37 16.08
C ALA B 522 -25.02 11.76 15.52
N GLU B 523 -26.13 12.45 15.66
CA GLU B 523 -26.24 13.79 15.17
C GLU B 523 -26.39 14.84 16.26
N THR B 524 -26.49 14.38 17.49
CA THR B 524 -26.57 15.24 18.66
C THR B 524 -25.70 14.65 19.74
N VAL B 525 -25.32 15.45 20.72
CA VAL B 525 -24.50 14.98 21.82
C VAL B 525 -25.17 13.89 22.65
N GLU B 526 -26.48 13.97 22.80
CA GLU B 526 -27.25 13.04 23.54
C GLU B 526 -27.25 11.75 22.81
N ASP B 527 -27.39 11.78 21.50
CA ASP B 527 -27.34 10.58 20.72
C ASP B 527 -25.95 9.97 20.87
N PHE B 528 -24.93 10.78 20.79
CA PHE B 528 -23.57 10.31 20.90
C PHE B 528 -23.26 9.64 22.23
N ASP B 529 -23.69 10.27 23.31
CA ASP B 529 -23.51 9.72 24.65
C ASP B 529 -24.17 8.36 24.78
N ALA B 530 -25.36 8.20 24.24
CA ALA B 530 -26.02 6.93 24.29
C ALA B 530 -25.29 5.87 23.49
N ALA B 531 -24.86 6.27 22.30
CA ALA B 531 -24.12 5.39 21.42
C ALA B 531 -22.85 4.92 22.09
N LEU B 532 -22.12 5.85 22.67
CA LEU B 532 -20.90 5.48 23.34
C LEU B 532 -21.16 4.54 24.48
N LYS B 533 -22.19 4.82 25.23
CA LYS B 533 -22.54 4.00 26.34
C LYS B 533 -22.86 2.60 25.88
N GLY B 534 -23.67 2.47 24.85
CA GLY B 534 -23.97 1.17 24.35
C GLY B 534 -22.75 0.46 23.83
N ALA B 535 -21.92 1.18 23.11
CA ALA B 535 -20.70 0.60 22.58
C ALA B 535 -19.79 0.00 23.63
N LEU B 536 -19.60 0.70 24.73
CA LEU B 536 -18.72 0.23 25.77
C LEU B 536 -19.12 -1.05 26.45
N ALA B 537 -20.42 -1.24 26.54
CA ALA B 537 -21.02 -2.40 27.16
C ALA B 537 -21.01 -3.58 26.26
N MET B 538 -20.79 -3.41 24.97
CA MET B 538 -20.78 -4.55 24.09
C MET B 538 -19.56 -5.43 24.22
N ASN B 539 -19.68 -6.64 23.75
CA ASN B 539 -18.57 -7.53 23.81
C ASN B 539 -18.20 -7.83 22.38
N THR B 540 -18.67 -6.99 21.48
CA THR B 540 -18.24 -7.09 20.13
C THR B 540 -17.87 -5.71 19.61
N PRO B 541 -17.33 -5.65 18.40
CA PRO B 541 -16.97 -4.34 17.86
C PRO B 541 -18.16 -3.49 17.53
N CYS B 542 -17.93 -2.21 17.51
CA CYS B 542 -18.94 -1.26 17.27
C CYS B 542 -18.43 -0.01 16.59
N LEU B 543 -19.28 0.60 15.80
CA LEU B 543 -18.95 1.81 15.10
C LEU B 543 -19.93 2.96 15.37
N ILE B 544 -19.42 4.15 15.61
CA ILE B 544 -20.24 5.30 15.84
C ILE B 544 -19.94 6.36 14.79
N ASP B 545 -20.91 6.62 13.94
CA ASP B 545 -20.87 7.57 12.86
C ASP B 545 -21.34 8.92 13.36
N VAL B 546 -20.45 9.84 13.61
CA VAL B 546 -20.78 11.14 14.13
C VAL B 546 -20.85 12.25 13.11
N GLN B 547 -21.96 12.99 13.10
CA GLN B 547 -22.12 14.13 12.21
C GLN B 547 -21.29 15.28 12.69
N VAL B 548 -20.39 15.77 11.86
CA VAL B 548 -19.49 16.85 12.19
C VAL B 548 -19.36 17.82 10.99
N ASP B 549 -19.30 19.12 11.27
CA ASP B 549 -19.15 20.18 10.32
C ASP B 549 -17.69 20.31 9.85
N ILE B 550 -17.51 20.29 8.55
CA ILE B 550 -16.20 20.36 7.93
C ILE B 550 -15.49 21.70 8.04
N ASP B 551 -16.22 22.76 8.32
CA ASP B 551 -15.67 24.07 8.45
C ASP B 551 -15.09 24.40 9.79
N VAL B 552 -15.30 23.58 10.80
CA VAL B 552 -14.80 23.89 12.12
C VAL B 552 -13.29 23.91 12.19
N LEU B 553 -12.76 24.98 12.71
CA LEU B 553 -11.34 25.17 12.82
C LEU B 553 -10.79 24.52 14.08
N PRO B 554 -9.99 23.47 13.92
CA PRO B 554 -9.44 22.70 15.03
C PRO B 554 -8.36 23.40 15.82
N PRO B 555 -8.18 23.04 17.05
CA PRO B 555 -7.17 23.69 17.87
C PRO B 555 -5.78 23.65 17.30
N GLY B 556 -5.12 24.79 17.32
CA GLY B 556 -3.78 24.90 16.82
C GLY B 556 -3.61 25.09 15.34
N MET B 557 -4.65 24.96 14.56
CA MET B 557 -4.49 25.11 13.13
C MET B 557 -4.29 26.53 12.68
N LYS B 558 -4.87 27.47 13.38
CA LYS B 558 -4.75 28.86 13.04
C LYS B 558 -3.29 29.23 13.14
N GLN B 559 -2.68 28.95 14.28
CA GLN B 559 -1.27 29.26 14.46
C GLN B 559 -0.43 28.56 13.39
N ARG B 560 -0.86 27.36 13.03
CA ARG B 560 -0.17 26.58 12.02
C ARG B 560 -0.34 27.21 10.64
N PHE B 561 -1.49 27.84 10.42
CA PHE B 561 -1.74 28.46 9.14
C PHE B 561 -0.96 29.75 9.11
N ASP B 562 -0.80 30.37 10.25
CA ASP B 562 -0.08 31.61 10.28
C ASP B 562 1.38 31.43 10.69
#